data_5AQB
#
_entry.id   5AQB
#
_cell.length_a   90.150
_cell.length_b   96.170
_cell.length_c   92.780
_cell.angle_alpha   90.00
_cell.angle_beta   118.99
_cell.angle_gamma   90.00
#
_symmetry.space_group_name_H-M   'C 1 2 1'
#
loop_
_entity.id
_entity.type
_entity.pdbx_description
1 polymer 3G61_DB15V4
2 polymer 'GREEN FLUORESCENT PROTEIN'
3 water water
#
loop_
_entity_poly.entity_id
_entity_poly.type
_entity_poly.pdbx_seq_one_letter_code
_entity_poly.pdbx_strand_id
1 'polypeptide(L)'
;MRGSHHHHHHGSDLGKKLLEAARAGQDDECRILMANGADVNALDEVGWTPLHLAAWGHLEIVECLLKNGADVNAADIDGY
TPLHLAAFSGHLEIVEVLLKYGADVNADDQAGFTPLHLAAIFGHLEIVEVLLKNGADVNAQDKFGKTPRDLAIDNGNEDI
AEVLGKAATLVKVKDAADQLGARVGYIELDLNSGKILESFRSEERFPMMSTFKVLLAGAILSRIDAGQEQLGRRIHYSQN
DLVEYSPVTEKHLTDGMTVRELASAAITMSDNTAANLLLTTIGGPKGLTAFLHNMGDHVTRLDRWEPELNEAIPNDERDT
TTPVAMATTLRKLLTGELLTPASRQQLMDWMEADKVAGPLLRSVLPAGWFIADKSGAGERGSRGIVAALGPDGKPSRIVV
IYTTGSQATMDELNRQIAEIGASLIKGW
;
A
2 'polypeptide(L)'
;SSKGEELFTGVVPILVELDGDVNGHKFSVSGEGEGDATYGKLTLKFICTTGKLPVPWPTLVTTF(CRO)VQCFSRYPDHM
KRHDFFKSAMPEGYVQERTIFFKDDGNYKTRAEVKFEGDTLVNRIELKGIDFKEDGNILGHKLEYNYNSHNVYIMADKQK
NGIKVNFKIRHNIEDGSVQLADHYQQNTPIGDGPVLLPDNHYLSTQSALSKDPNEKRDHMVLLEFVTAAGITH
;
B
#
# COMPACT_ATOMS: atom_id res chain seq x y z
N LEU A 18 -36.27 9.03 -4.36
CA LEU A 18 -35.02 9.11 -5.11
C LEU A 18 -33.97 8.20 -4.50
N LEU A 19 -34.04 8.00 -3.18
CA LEU A 19 -33.16 7.04 -2.51
C LEU A 19 -33.46 5.62 -2.97
N GLU A 20 -34.74 5.27 -3.09
CA GLU A 20 -35.10 3.95 -3.60
C GLU A 20 -34.83 3.83 -5.08
N ALA A 21 -34.87 4.95 -5.82
CA ALA A 21 -34.65 4.98 -7.26
C ALA A 21 -33.21 4.70 -7.66
N ALA A 22 -32.32 4.29 -6.75
CA ALA A 22 -30.93 4.03 -7.08
C ALA A 22 -30.39 2.76 -6.43
N ARG A 23 -31.26 1.81 -6.08
CA ARG A 23 -30.83 0.64 -5.28
C ARG A 23 -30.38 -0.67 -5.99
N ALA A 24 -31.22 -1.46 -6.68
CA ALA A 24 -32.55 -1.15 -7.25
C ALA A 24 -32.62 0.20 -7.94
N GLY A 25 -31.99 0.27 -9.11
CA GLY A 25 -31.84 1.52 -9.81
C GLY A 25 -33.00 1.83 -10.75
N GLN A 26 -33.27 3.13 -10.90
CA GLN A 26 -34.26 3.65 -11.84
C GLN A 26 -33.65 4.90 -12.46
N ASP A 27 -32.79 4.70 -13.47
CA ASP A 27 -32.03 5.81 -14.05
C ASP A 27 -32.95 6.79 -14.76
N ASP A 28 -34.01 6.29 -15.41
CA ASP A 28 -34.99 7.20 -16.00
C ASP A 28 -35.79 7.92 -14.92
N GLU A 29 -35.98 7.28 -13.76
CA GLU A 29 -36.66 7.94 -12.65
C GLU A 29 -35.81 9.07 -12.07
N CYS A 30 -34.48 8.87 -12.04
CA CYS A 30 -33.59 9.93 -11.59
C CYS A 30 -33.90 11.24 -12.30
N ARG A 31 -33.92 11.22 -13.63
CA ARG A 31 -34.24 12.43 -14.38
C ARG A 31 -35.69 12.86 -14.16
N ILE A 32 -36.59 11.89 -13.99
CA ILE A 32 -37.99 12.23 -13.70
C ILE A 32 -38.11 12.90 -12.34
N LEU A 33 -37.56 12.26 -11.30
CA LEU A 33 -37.72 12.75 -9.95
C LEU A 33 -37.09 14.12 -9.74
N MET A 34 -36.10 14.49 -10.55
CA MET A 34 -35.48 15.80 -10.46
C MET A 34 -36.38 16.85 -11.10
N ALA A 38 -36.81 17.74 -6.39
CA ALA A 38 -36.41 16.69 -5.47
C ALA A 38 -35.01 16.95 -4.93
N ASP A 39 -34.79 16.61 -3.66
CA ASP A 39 -33.49 16.82 -3.03
C ASP A 39 -32.51 15.79 -3.57
N VAL A 40 -31.54 16.26 -4.36
CA VAL A 40 -30.52 15.36 -4.91
C VAL A 40 -29.71 14.71 -3.81
N ASN A 41 -29.62 15.34 -2.63
CA ASN A 41 -28.82 14.84 -1.52
C ASN A 41 -29.68 14.42 -0.34
N ALA A 42 -30.87 13.89 -0.60
CA ALA A 42 -31.69 13.35 0.47
C ALA A 42 -30.91 12.29 1.23
N LEU A 43 -31.07 12.26 2.55
CA LEU A 43 -30.30 11.38 3.42
C LEU A 43 -31.20 10.33 4.07
N ASP A 44 -30.59 9.19 4.42
CA ASP A 44 -31.26 8.18 5.21
C ASP A 44 -30.57 8.06 6.58
N GLU A 45 -30.92 7.00 7.31
CA GLU A 45 -30.43 6.81 8.67
C GLU A 45 -28.92 6.60 8.73
N VAL A 46 -28.30 6.14 7.65
CA VAL A 46 -26.86 5.97 7.64
C VAL A 46 -26.18 7.07 6.84
N GLY A 47 -26.88 8.15 6.53
CA GLY A 47 -26.26 9.26 5.81
C GLY A 47 -25.96 8.97 4.36
N TRP A 48 -26.65 8.01 3.75
CA TRP A 48 -26.46 7.71 2.34
C TRP A 48 -27.37 8.61 1.51
N THR A 49 -26.76 9.26 0.54
CA THR A 49 -27.46 9.94 -0.52
C THR A 49 -27.71 8.96 -1.66
N PRO A 50 -28.50 9.35 -2.65
CA PRO A 50 -28.69 8.47 -3.81
C PRO A 50 -27.37 8.09 -4.46
N LEU A 51 -26.40 9.00 -4.45
CA LEU A 51 -25.10 8.71 -5.04
C LEU A 51 -24.38 7.59 -4.31
N HIS A 52 -24.47 7.55 -2.97
CA HIS A 52 -23.88 6.44 -2.24
C HIS A 52 -24.50 5.11 -2.64
N LEU A 53 -25.82 5.08 -2.80
CA LEU A 53 -26.48 3.83 -3.18
C LEU A 53 -26.09 3.42 -4.59
N ALA A 54 -25.98 4.39 -5.51
CA ALA A 54 -25.68 4.09 -6.90
C ALA A 54 -24.22 3.72 -7.12
N ALA A 55 -23.33 4.11 -6.20
CA ALA A 55 -21.91 3.80 -6.35
C ALA A 55 -21.61 2.31 -6.42
N TRP A 56 -22.53 1.45 -5.99
CA TRP A 56 -22.35 -0.01 -6.01
C TRP A 56 -22.64 -0.63 -7.37
N GLY A 57 -22.25 0.02 -8.45
CA GLY A 57 -22.29 -0.59 -9.77
C GLY A 57 -23.32 -0.01 -10.73
N HIS A 58 -24.10 1.00 -10.34
CA HIS A 58 -25.09 1.60 -11.24
C HIS A 58 -24.50 2.83 -11.93
N LEU A 59 -23.70 2.57 -12.95
CA LEU A 59 -22.95 3.64 -13.63
C LEU A 59 -23.88 4.72 -14.18
N GLU A 60 -24.95 4.32 -14.87
CA GLU A 60 -25.80 5.30 -15.52
C GLU A 60 -26.49 6.20 -14.50
N ILE A 61 -26.87 5.62 -13.36
CA ILE A 61 -27.52 6.40 -12.31
C ILE A 61 -26.53 7.37 -11.67
N VAL A 62 -25.30 6.91 -11.41
CA VAL A 62 -24.27 7.81 -10.88
C VAL A 62 -24.16 9.04 -11.77
N GLU A 63 -24.09 8.82 -13.09
CA GLU A 63 -23.95 9.91 -14.05
C GLU A 63 -25.13 10.88 -14.00
N CYS A 64 -26.36 10.35 -13.99
CA CYS A 64 -27.54 11.20 -13.88
C CYS A 64 -27.48 12.05 -12.62
N LEU A 65 -27.16 11.44 -11.49
CA LEU A 65 -27.13 12.18 -10.24
C LEU A 65 -26.09 13.29 -10.28
N LEU A 66 -24.90 12.98 -10.78
CA LEU A 66 -23.84 13.98 -10.83
C LEU A 66 -24.21 15.15 -11.72
N LYS A 67 -24.76 14.84 -12.89
CA LYS A 67 -25.25 15.89 -13.81
C LYS A 67 -26.20 16.83 -13.10
N ASN A 68 -27.12 16.29 -12.30
CA ASN A 68 -28.13 17.07 -11.60
C ASN A 68 -27.63 17.70 -10.31
N GLY A 69 -26.32 17.75 -10.10
CA GLY A 69 -25.77 18.49 -9.00
C GLY A 69 -25.61 17.75 -7.69
N ALA A 70 -25.63 16.41 -7.71
CA ALA A 70 -25.41 15.65 -6.49
C ALA A 70 -24.08 16.05 -5.86
N ASP A 71 -24.06 16.08 -4.52
CA ASP A 71 -22.87 16.45 -3.77
C ASP A 71 -21.88 15.29 -3.86
N VAL A 72 -20.89 15.42 -4.75
CA VAL A 72 -20.01 14.30 -5.06
C VAL A 72 -19.19 13.88 -3.85
N ASN A 73 -19.02 14.76 -2.86
CA ASN A 73 -18.19 14.49 -1.70
C ASN A 73 -18.99 14.29 -0.42
N ALA A 74 -20.29 14.06 -0.52
CA ALA A 74 -21.12 13.77 0.66
C ALA A 74 -20.55 12.59 1.43
N ALA A 75 -20.43 12.75 2.75
CA ALA A 75 -19.87 11.72 3.62
C ALA A 75 -20.98 11.07 4.44
N ASP A 76 -20.96 9.74 4.52
CA ASP A 76 -21.96 9.00 5.29
C ASP A 76 -21.60 8.99 6.78
N ILE A 77 -22.35 8.21 7.56
CA ILE A 77 -22.20 8.25 9.00
C ILE A 77 -20.83 7.76 9.45
N ASP A 78 -20.12 7.00 8.61
CA ASP A 78 -18.78 6.51 8.90
C ASP A 78 -17.70 7.33 8.22
N GLY A 79 -18.06 8.38 7.50
CA GLY A 79 -17.12 9.20 6.77
C GLY A 79 -16.88 8.78 5.34
N TYR A 80 -17.64 7.83 4.81
CA TYR A 80 -17.38 7.35 3.45
C TYR A 80 -18.05 8.28 2.46
N THR A 81 -17.27 8.73 1.49
CA THR A 81 -17.80 9.38 0.30
C THR A 81 -18.19 8.32 -0.71
N PRO A 82 -18.92 8.69 -1.76
CA PRO A 82 -19.20 7.73 -2.83
C PRO A 82 -17.94 7.13 -3.45
N LEU A 83 -16.86 7.90 -3.54
CA LEU A 83 -15.61 7.36 -4.07
C LEU A 83 -15.06 6.26 -3.17
N HIS A 84 -15.18 6.42 -1.85
CA HIS A 84 -14.77 5.35 -0.96
C HIS A 84 -15.54 4.06 -1.25
N LEU A 85 -16.87 4.18 -1.39
CA LEU A 85 -17.68 3.00 -1.63
C LEU A 85 -17.37 2.36 -2.98
N ALA A 86 -17.12 3.19 -4.01
CA ALA A 86 -16.75 2.65 -5.31
C ALA A 86 -15.39 1.96 -5.25
N ALA A 87 -14.48 2.49 -4.44
CA ALA A 87 -13.18 1.84 -4.27
C ALA A 87 -13.35 0.48 -3.60
N PHE A 88 -14.18 0.40 -2.56
CA PHE A 88 -14.41 -0.88 -1.89
C PHE A 88 -15.06 -1.89 -2.82
N SER A 89 -16.10 -1.47 -3.52
CA SER A 89 -16.85 -2.41 -4.36
C SER A 89 -16.12 -2.78 -5.64
N GLY A 90 -15.15 -1.97 -6.06
CA GLY A 90 -14.27 -2.33 -7.17
C GLY A 90 -14.70 -1.84 -8.53
N HIS A 91 -15.55 -0.81 -8.61
CA HIS A 91 -16.13 -0.35 -9.88
C HIS A 91 -15.27 0.75 -10.49
N LEU A 92 -14.40 0.36 -11.42
CA LEU A 92 -13.45 1.28 -12.03
C LEU A 92 -14.14 2.46 -12.72
N GLU A 93 -15.19 2.19 -13.52
CA GLU A 93 -15.79 3.27 -14.28
C GLU A 93 -16.51 4.26 -13.37
N ILE A 94 -17.06 3.79 -12.25
CA ILE A 94 -17.68 4.70 -11.31
C ILE A 94 -16.63 5.55 -10.60
N VAL A 95 -15.51 4.94 -10.22
CA VAL A 95 -14.39 5.74 -9.71
C VAL A 95 -14.06 6.86 -10.69
N GLU A 96 -13.97 6.51 -11.97
CA GLU A 96 -13.55 7.48 -12.98
C GLU A 96 -14.55 8.62 -13.13
N VAL A 97 -15.86 8.33 -13.13
CA VAL A 97 -16.81 9.42 -13.32
CA VAL A 97 -16.86 9.39 -13.30
C VAL A 97 -16.91 10.29 -12.08
N LEU A 98 -16.82 9.69 -10.89
CA LEU A 98 -16.79 10.50 -9.68
C LEU A 98 -15.64 11.50 -9.72
N LEU A 99 -14.45 11.02 -10.11
CA LEU A 99 -13.30 11.92 -10.22
C LEU A 99 -13.51 12.97 -11.30
N LYS A 100 -14.12 12.59 -12.42
CA LYS A 100 -14.40 13.55 -13.48
C LYS A 100 -15.28 14.69 -12.97
N TYR A 101 -16.23 14.37 -12.08
CA TYR A 101 -17.14 15.37 -11.51
C TYR A 101 -16.63 15.94 -10.20
N GLY A 102 -15.33 15.81 -9.92
CA GLY A 102 -14.71 16.60 -8.88
C GLY A 102 -14.66 15.95 -7.54
N ALA A 103 -14.83 14.63 -7.47
CA ALA A 103 -14.63 13.91 -6.22
C ALA A 103 -13.24 14.20 -5.65
N ASP A 104 -13.20 14.36 -4.33
CA ASP A 104 -11.98 14.63 -3.58
C ASP A 104 -11.19 13.33 -3.50
N VAL A 105 -10.14 13.23 -4.32
CA VAL A 105 -9.39 12.00 -4.41
C VAL A 105 -8.77 11.60 -3.09
N ASN A 106 -8.56 12.55 -2.18
CA ASN A 106 -7.88 12.29 -0.91
C ASN A 106 -8.81 12.43 0.29
N ALA A 107 -10.12 12.36 0.09
CA ALA A 107 -11.03 12.41 1.23
C ALA A 107 -10.74 11.28 2.21
N ASP A 108 -10.73 11.60 3.51
CA ASP A 108 -10.43 10.61 4.54
C ASP A 108 -11.69 10.29 5.32
N ASP A 109 -11.88 9.00 5.59
CA ASP A 109 -12.99 8.55 6.42
C ASP A 109 -12.61 8.71 7.89
N GLN A 110 -13.44 8.18 8.80
CA GLN A 110 -13.17 8.37 10.22
C GLN A 110 -11.98 7.56 10.73
N ALA A 111 -11.51 6.58 9.96
CA ALA A 111 -10.28 5.87 10.28
C ALA A 111 -9.06 6.53 9.64
N GLY A 112 -9.25 7.60 8.89
CA GLY A 112 -8.15 8.20 8.17
C GLY A 112 -7.85 7.55 6.84
N PHE A 113 -8.70 6.67 6.36
CA PHE A 113 -8.48 6.01 5.08
C PHE A 113 -8.93 6.91 3.94
N THR A 114 -8.04 7.12 2.98
CA THR A 114 -8.41 7.66 1.69
C THR A 114 -8.87 6.55 0.76
N PRO A 115 -9.46 6.91 -0.38
CA PRO A 115 -9.80 5.87 -1.36
C PRO A 115 -8.61 5.04 -1.78
N LEU A 116 -7.41 5.65 -1.84
CA LEU A 116 -6.22 4.85 -2.16
C LEU A 116 -5.90 3.83 -1.07
N HIS A 117 -6.03 4.19 0.21
CA HIS A 117 -5.91 3.20 1.26
C HIS A 117 -6.86 2.02 0.99
N LEU A 118 -8.14 2.33 0.72
CA LEU A 118 -9.12 1.26 0.52
C LEU A 118 -8.75 0.39 -0.67
N ALA A 119 -8.37 1.01 -1.79
CA ALA A 119 -7.99 0.22 -2.95
C ALA A 119 -6.79 -0.67 -2.64
N ALA A 120 -5.86 -0.17 -1.83
CA ALA A 120 -4.69 -0.96 -1.45
C ALA A 120 -5.07 -2.10 -0.50
N ILE A 121 -5.99 -1.86 0.45
CA ILE A 121 -6.44 -2.93 1.35
C ILE A 121 -7.10 -4.04 0.56
N PHE A 122 -8.02 -3.66 -0.33
CA PHE A 122 -8.89 -4.62 -1.01
C PHE A 122 -8.29 -5.18 -2.30
N GLY A 123 -7.10 -4.75 -2.73
CA GLY A 123 -6.44 -5.38 -3.85
C GLY A 123 -6.87 -4.93 -5.23
N HIS A 124 -7.36 -3.70 -5.37
CA HIS A 124 -7.89 -3.21 -6.65
C HIS A 124 -6.82 -2.39 -7.36
N LEU A 125 -6.02 -3.07 -8.19
CA LEU A 125 -4.85 -2.45 -8.81
C LEU A 125 -5.23 -1.40 -9.84
N GLU A 126 -6.19 -1.70 -10.72
CA GLU A 126 -6.58 -0.72 -11.74
C GLU A 126 -7.08 0.57 -11.08
N ILE A 127 -7.80 0.44 -9.96
CA ILE A 127 -8.30 1.61 -9.25
C ILE A 127 -7.15 2.37 -8.58
N VAL A 128 -6.17 1.65 -8.03
CA VAL A 128 -4.97 2.31 -7.51
C VAL A 128 -4.37 3.21 -8.57
N GLU A 129 -4.29 2.73 -9.81
CA GLU A 129 -3.63 3.49 -10.86
C GLU A 129 -4.43 4.72 -11.27
N VAL A 130 -5.76 4.60 -11.34
CA VAL A 130 -6.58 5.76 -11.67
CA VAL A 130 -6.56 5.77 -11.68
C VAL A 130 -6.49 6.80 -10.56
N LEU A 131 -6.50 6.35 -9.30
CA LEU A 131 -6.38 7.28 -8.19
C LEU A 131 -5.04 8.04 -8.25
N LEU A 132 -3.94 7.31 -8.46
CA LEU A 132 -2.62 7.96 -8.58
C LEU A 132 -2.60 8.97 -9.73
N LYS A 133 -3.16 8.61 -10.88
CA LYS A 133 -3.22 9.52 -12.02
C LYS A 133 -3.99 10.80 -11.71
N ASN A 134 -4.96 10.72 -10.79
CA ASN A 134 -5.81 11.85 -10.42
C ASN A 134 -5.34 12.55 -9.15
N GLY A 135 -4.08 12.35 -8.75
CA GLY A 135 -3.50 13.14 -7.68
C GLY A 135 -3.62 12.56 -6.30
N ALA A 136 -3.94 11.27 -6.17
CA ALA A 136 -3.96 10.66 -4.84
C ALA A 136 -2.61 10.84 -4.17
N ASP A 137 -2.65 11.12 -2.87
CA ASP A 137 -1.45 11.33 -2.06
C ASP A 137 -0.93 9.96 -1.61
N VAL A 138 0.15 9.52 -2.25
CA VAL A 138 0.73 8.23 -1.93
CA VAL A 138 0.78 8.24 -1.94
C VAL A 138 1.26 8.17 -0.50
N ASN A 139 1.53 9.32 0.13
CA ASN A 139 2.11 9.35 1.47
C ASN A 139 1.08 9.68 2.56
N ALA A 140 -0.20 9.69 2.21
CA ALA A 140 -1.25 9.96 3.18
C ALA A 140 -1.24 8.91 4.29
N GLN A 141 -1.41 9.37 5.52
CA GLN A 141 -1.40 8.50 6.68
C GLN A 141 -2.79 8.42 7.32
N ASP A 142 -3.18 7.22 7.69
CA ASP A 142 -4.41 7.00 8.43
C ASP A 142 -4.21 7.45 9.89
N LYS A 143 -5.21 7.21 10.73
CA LYS A 143 -5.16 7.65 12.12
C LYS A 143 -4.01 7.00 12.88
N PHE A 144 -3.47 5.88 12.38
CA PHE A 144 -2.38 5.16 13.02
C PHE A 144 -1.06 5.31 12.28
N GLY A 145 -0.97 6.29 11.36
CA GLY A 145 0.28 6.61 10.71
C GLY A 145 0.59 5.78 9.49
N LYS A 146 -0.34 4.96 9.01
CA LYS A 146 -0.07 3.99 7.97
C LYS A 146 -0.44 4.55 6.62
N THR A 147 0.44 4.34 5.63
CA THR A 147 0.20 4.76 4.26
C THR A 147 -0.51 3.67 3.49
N PRO A 148 -0.99 3.97 2.27
CA PRO A 148 -1.56 2.90 1.46
C PRO A 148 -0.61 1.75 1.21
N ARG A 149 0.67 2.03 1.00
CA ARG A 149 1.62 0.94 0.80
CA ARG A 149 1.64 0.95 0.81
C ARG A 149 1.73 0.06 2.04
N ASP A 150 1.78 0.67 3.24
CA ASP A 150 1.79 -0.13 4.45
C ASP A 150 0.63 -1.12 4.45
N LEU A 151 -0.57 -0.66 4.05
CA LEU A 151 -1.74 -1.52 4.12
C LEU A 151 -1.73 -2.57 3.00
N ALA A 152 -1.22 -2.20 1.82
CA ALA A 152 -1.02 -3.19 0.77
C ALA A 152 -0.13 -4.33 1.25
N ILE A 153 0.96 -4.00 1.94
CA ILE A 153 1.84 -5.04 2.48
CA ILE A 153 1.84 -5.04 2.48
C ILE A 153 1.09 -5.89 3.50
N ASP A 154 0.37 -5.24 4.41
CA ASP A 154 -0.34 -5.97 5.46
C ASP A 154 -1.35 -6.94 4.88
N ASN A 155 -1.91 -6.62 3.71
CA ASN A 155 -2.92 -7.46 3.09
C ASN A 155 -2.37 -8.30 1.95
N GLY A 156 -1.05 -8.43 1.85
CA GLY A 156 -0.42 -9.31 0.88
C GLY A 156 -0.53 -8.89 -0.56
N ASN A 157 -0.76 -7.60 -0.83
CA ASN A 157 -0.97 -7.12 -2.21
C ASN A 157 0.34 -6.55 -2.74
N GLU A 158 1.22 -7.47 -3.14
CA GLU A 158 2.60 -7.10 -3.43
C GLU A 158 2.72 -6.24 -4.68
N ASP A 159 1.88 -6.50 -5.69
CA ASP A 159 1.95 -5.71 -6.92
C ASP A 159 1.56 -4.26 -6.66
N ILE A 160 0.55 -4.05 -5.82
CA ILE A 160 0.15 -2.69 -5.45
C ILE A 160 1.22 -2.04 -4.60
N ALA A 161 1.81 -2.79 -3.66
CA ALA A 161 2.88 -2.22 -2.84
C ALA A 161 4.01 -1.72 -3.73
N GLU A 162 4.36 -2.49 -4.77
CA GLU A 162 5.44 -2.08 -5.64
C GLU A 162 5.08 -0.81 -6.40
N VAL A 163 3.87 -0.76 -6.96
CA VAL A 163 3.42 0.43 -7.69
C VAL A 163 3.46 1.64 -6.78
N LEU A 164 3.01 1.50 -5.53
CA LEU A 164 2.98 2.62 -4.61
C LEU A 164 4.40 3.04 -4.22
N GLY A 165 5.31 2.08 -4.10
CA GLY A 165 6.69 2.42 -3.81
C GLY A 165 7.33 3.24 -4.92
N LYS A 166 7.15 2.83 -6.16
CA LYS A 166 7.70 3.60 -7.27
C LYS A 166 7.11 5.00 -7.32
N ALA A 167 5.80 5.11 -7.09
CA ALA A 167 5.15 6.41 -7.12
C ALA A 167 5.72 7.34 -6.05
N ALA A 168 5.95 6.81 -4.84
CA ALA A 168 6.51 7.64 -3.78
C ALA A 168 7.92 8.10 -4.15
N THR A 169 8.70 7.23 -4.81
CA THR A 169 10.04 7.64 -5.22
C THR A 169 10.00 8.71 -6.30
N LEU A 170 9.06 8.62 -7.25
CA LEU A 170 8.94 9.69 -8.22
C LEU A 170 8.52 11.01 -7.57
N VAL A 171 7.65 10.97 -6.55
CA VAL A 171 7.35 12.19 -5.79
C VAL A 171 8.63 12.81 -5.27
N LYS A 172 9.53 11.98 -4.70
CA LYS A 172 10.77 12.52 -4.15
C LYS A 172 11.71 13.02 -5.25
N VAL A 173 11.82 12.31 -6.37
CA VAL A 173 12.67 12.78 -7.47
C VAL A 173 12.21 14.14 -7.93
N LYS A 174 10.90 14.32 -8.08
CA LYS A 174 10.38 15.60 -8.53
C LYS A 174 10.55 16.68 -7.46
N ASP A 175 10.43 16.30 -6.19
CA ASP A 175 10.70 17.25 -5.10
C ASP A 175 12.16 17.69 -5.12
N ALA A 176 13.09 16.75 -5.33
CA ALA A 176 14.50 17.10 -5.42
C ALA A 176 14.73 18.12 -6.52
N ALA A 177 14.13 17.89 -7.68
CA ALA A 177 14.36 18.81 -8.78
C ALA A 177 13.80 20.19 -8.46
N ASP A 178 12.68 20.22 -7.73
CA ASP A 178 12.11 21.49 -7.30
CA ASP A 178 12.10 21.49 -7.29
C ASP A 178 13.04 22.19 -6.32
N GLN A 179 13.50 21.49 -5.29
CA GLN A 179 14.40 22.10 -4.31
CA GLN A 179 14.38 22.12 -4.31
C GLN A 179 15.67 22.60 -4.96
N LEU A 180 16.25 21.80 -5.87
CA LEU A 180 17.52 22.16 -6.49
C LEU A 180 17.35 23.17 -7.61
N GLY A 181 16.15 23.37 -8.11
CA GLY A 181 15.96 24.22 -9.27
C GLY A 181 16.71 23.71 -10.49
N ALA A 182 16.70 22.40 -10.71
CA ALA A 182 17.53 21.78 -11.75
C ALA A 182 16.91 20.45 -12.12
N ARG A 183 17.20 20.00 -13.34
CA ARG A 183 16.69 18.70 -13.73
C ARG A 183 17.43 17.57 -13.01
N VAL A 184 16.67 16.52 -12.68
CA VAL A 184 17.16 15.31 -12.05
C VAL A 184 16.73 14.13 -12.89
N GLY A 185 17.69 13.29 -13.25
CA GLY A 185 17.44 12.07 -14.00
C GLY A 185 17.66 10.86 -13.10
N TYR A 186 16.86 9.83 -13.32
CA TYR A 186 16.77 8.71 -12.41
C TYR A 186 16.43 7.44 -13.17
N ILE A 187 17.07 6.33 -12.81
CA ILE A 187 16.56 5.04 -13.24
C ILE A 187 16.89 3.98 -12.19
N GLU A 188 15.98 3.03 -12.04
CA GLU A 188 16.14 1.85 -11.21
C GLU A 188 15.91 0.64 -12.11
N LEU A 189 16.90 -0.24 -12.21
CA LEU A 189 16.90 -1.37 -13.13
C LEU A 189 17.08 -2.66 -12.34
N ASP A 190 16.38 -3.73 -12.72
CA ASP A 190 16.60 -5.03 -12.10
C ASP A 190 17.92 -5.60 -12.59
N LEU A 191 18.80 -5.96 -11.67
CA LEU A 191 20.16 -6.36 -12.05
C LEU A 191 20.13 -7.66 -12.84
N ASN A 192 19.31 -8.61 -12.42
CA ASN A 192 19.25 -9.91 -13.09
C ASN A 192 18.60 -9.81 -14.46
N SER A 193 17.38 -9.25 -14.53
CA SER A 193 16.58 -9.30 -15.75
C SER A 193 16.75 -8.10 -16.66
N GLY A 194 17.28 -6.99 -16.16
CA GLY A 194 17.39 -5.78 -16.94
C GLY A 194 16.13 -4.95 -17.02
N LYS A 195 15.03 -5.39 -16.40
CA LYS A 195 13.78 -4.66 -16.48
C LYS A 195 13.92 -3.28 -15.83
N ILE A 196 13.37 -2.27 -16.50
CA ILE A 196 13.31 -0.93 -15.95
C ILE A 196 12.16 -0.88 -14.95
N LEU A 197 12.51 -0.63 -13.69
CA LEU A 197 11.53 -0.63 -12.63
C LEU A 197 10.87 0.73 -12.43
N GLU A 198 11.62 1.80 -12.65
CA GLU A 198 11.11 3.17 -12.61
C GLU A 198 12.17 4.07 -13.23
N SER A 199 11.74 5.23 -13.70
CA SER A 199 12.69 6.12 -14.34
C SER A 199 12.10 7.53 -14.43
N PHE A 200 12.99 8.49 -14.63
CA PHE A 200 12.58 9.88 -14.84
C PHE A 200 13.66 10.60 -15.65
N ARG A 201 13.28 11.28 -16.72
CA ARG A 201 14.23 11.92 -17.63
C ARG A 201 15.33 10.93 -18.07
N SER A 202 14.95 9.66 -18.28
CA SER A 202 15.98 8.64 -18.43
C SER A 202 16.66 8.65 -19.78
N GLU A 203 16.12 9.36 -20.78
CA GLU A 203 16.74 9.46 -22.08
C GLU A 203 17.40 10.81 -22.32
N GLU A 204 17.48 11.67 -21.32
CA GLU A 204 18.15 12.95 -21.43
C GLU A 204 19.63 12.81 -21.10
N ARG A 205 20.45 13.62 -21.75
CA ARG A 205 21.89 13.62 -21.49
C ARG A 205 22.22 14.42 -20.25
N PHE A 206 23.14 13.89 -19.45
CA PHE A 206 23.73 14.51 -18.29
C PHE A 206 25.23 14.31 -18.35
N PRO A 207 26.01 15.24 -17.79
CA PRO A 207 27.44 15.00 -17.62
C PRO A 207 27.70 13.79 -16.73
N MET A 208 28.58 12.88 -17.17
CA MET A 208 28.93 11.72 -16.34
C MET A 208 29.81 12.09 -15.15
N MET A 209 30.65 13.09 -15.30
CA MET A 209 31.64 13.40 -14.25
C MET A 209 32.44 12.11 -13.99
N SER A 210 32.92 11.93 -12.76
CA SER A 210 33.76 10.77 -12.47
C SER A 210 33.01 9.46 -12.52
N THR A 211 31.68 9.42 -12.71
CA THR A 211 31.04 8.13 -12.89
C THR A 211 31.55 7.40 -14.12
N PHE A 212 32.21 8.12 -15.07
CA PHE A 212 32.77 7.44 -16.24
C PHE A 212 33.85 6.45 -15.85
N LYS A 213 34.44 6.58 -14.66
CA LYS A 213 35.56 5.73 -14.27
C LYS A 213 35.17 4.26 -14.17
N VAL A 214 33.89 3.95 -13.89
CA VAL A 214 33.45 2.55 -13.88
CA VAL A 214 33.51 2.55 -13.87
C VAL A 214 33.54 1.96 -15.28
N LEU A 215 33.24 2.77 -16.30
CA LEU A 215 33.32 2.30 -17.68
C LEU A 215 34.77 2.16 -18.12
N LEU A 216 35.63 3.09 -17.70
CA LEU A 216 37.06 2.96 -17.92
C LEU A 216 37.59 1.66 -17.32
N ALA A 217 37.23 1.36 -16.06
CA ALA A 217 37.73 0.14 -15.44
C ALA A 217 37.23 -1.08 -16.19
N GLY A 218 35.99 -1.05 -16.66
CA GLY A 218 35.49 -2.13 -17.48
C GLY A 218 36.31 -2.35 -18.74
N ALA A 219 36.67 -1.25 -19.42
CA ALA A 219 37.53 -1.36 -20.60
C ALA A 219 38.89 -1.95 -20.25
N ILE A 220 39.50 -1.52 -19.16
CA ILE A 220 40.78 -2.08 -18.73
C ILE A 220 40.65 -3.57 -18.47
N LEU A 221 39.60 -3.97 -17.74
CA LEU A 221 39.39 -5.39 -17.44
C LEU A 221 39.18 -6.21 -18.71
N SER A 222 38.43 -5.66 -19.67
CA SER A 222 38.28 -6.32 -20.96
C SER A 222 39.62 -6.55 -21.65
N ARG A 223 40.52 -5.56 -21.60
CA ARG A 223 41.84 -5.73 -22.19
C ARG A 223 42.64 -6.79 -21.45
N ILE A 224 42.56 -6.81 -20.11
CA ILE A 224 43.22 -7.86 -19.34
C ILE A 224 42.71 -9.25 -19.78
N ASP A 225 41.38 -9.40 -19.88
CA ASP A 225 40.81 -10.67 -20.28
C ASP A 225 41.35 -11.15 -21.62
N ALA A 226 41.53 -10.20 -22.55
CA ALA A 226 41.98 -10.50 -23.91
C ALA A 226 43.49 -10.66 -24.02
N GLY A 227 44.23 -10.45 -22.95
CA GLY A 227 45.68 -10.56 -23.00
C GLY A 227 46.34 -9.32 -23.55
N GLN A 228 45.63 -8.21 -23.65
CA GLN A 228 46.14 -6.94 -24.15
C GLN A 228 46.67 -6.04 -23.04
N GLU A 229 46.55 -6.48 -21.79
CA GLU A 229 46.97 -5.70 -20.62
C GLU A 229 47.23 -6.67 -19.48
N GLN A 230 48.07 -6.22 -18.55
CA GLN A 230 48.43 -7.02 -17.38
C GLN A 230 48.17 -6.21 -16.11
N LEU A 231 47.50 -6.81 -15.13
CA LEU A 231 47.23 -6.13 -13.86
C LEU A 231 48.53 -5.69 -13.19
N GLY A 232 49.60 -6.46 -13.36
CA GLY A 232 50.86 -6.13 -12.74
C GLY A 232 51.79 -5.20 -13.49
N ARG A 233 51.42 -4.74 -14.69
CA ARG A 233 52.30 -3.87 -15.46
C ARG A 233 52.48 -2.54 -14.73
N ARG A 234 53.74 -2.14 -14.54
CA ARG A 234 54.06 -0.90 -13.85
C ARG A 234 54.14 0.27 -14.83
N ILE A 235 53.47 1.35 -14.47
CA ILE A 235 53.47 2.58 -15.24
C ILE A 235 54.19 3.63 -14.42
N HIS A 236 55.22 4.23 -15.01
CA HIS A 236 55.91 5.38 -14.46
C HIS A 236 55.34 6.65 -15.07
N TYR A 237 55.29 7.70 -14.27
CA TYR A 237 54.74 8.97 -14.68
C TYR A 237 55.51 10.06 -13.94
N SER A 238 55.27 11.30 -14.35
CA SER A 238 56.01 12.42 -13.81
C SER A 238 55.08 13.47 -13.23
N GLN A 239 55.72 14.48 -12.63
CA GLN A 239 55.01 15.59 -12.02
C GLN A 239 54.07 16.25 -13.03
N ASN A 240 54.49 16.31 -14.29
CA ASN A 240 53.67 16.93 -15.33
C ASN A 240 52.39 16.17 -15.59
N ASP A 241 52.33 14.89 -15.25
CA ASP A 241 51.09 14.15 -15.43
C ASP A 241 50.10 14.41 -14.31
N LEU A 242 50.55 14.94 -13.18
CA LEU A 242 49.65 15.09 -12.04
C LEU A 242 48.69 16.24 -12.28
N VAL A 243 47.40 15.95 -12.17
CA VAL A 243 46.35 16.96 -12.19
C VAL A 243 45.70 17.02 -10.81
N GLU A 244 44.82 17.99 -10.65
CA GLU A 244 44.20 18.17 -9.35
C GLU A 244 43.41 16.94 -8.96
N TYR A 245 43.33 16.74 -7.65
CA TYR A 245 42.67 15.63 -6.99
C TYR A 245 43.21 14.27 -7.47
N SER A 246 44.43 14.01 -7.04
CA SER A 246 45.17 12.78 -7.34
C SER A 246 45.80 12.27 -6.06
N PRO A 247 44.97 11.86 -5.09
CA PRO A 247 45.48 11.57 -3.75
C PRO A 247 46.38 10.36 -3.66
N VAL A 248 46.18 9.36 -4.51
CA VAL A 248 47.05 8.20 -4.50
C VAL A 248 48.25 8.41 -5.41
N THR A 249 48.02 8.86 -6.65
CA THR A 249 49.13 8.98 -7.60
C THR A 249 50.16 10.01 -7.16
N GLU A 250 49.76 11.08 -6.48
CA GLU A 250 50.75 12.06 -6.05
C GLU A 250 51.75 11.44 -5.08
N LYS A 251 51.39 10.37 -4.39
CA LYS A 251 52.28 9.73 -3.40
C LYS A 251 53.20 8.69 -4.00
N HIS A 252 53.06 8.36 -5.29
CA HIS A 252 53.84 7.29 -5.91
C HIS A 252 54.63 7.78 -7.11
N LEU A 253 54.97 9.07 -7.11
CA LEU A 253 55.73 9.63 -8.22
C LEU A 253 57.05 8.89 -8.44
N THR A 254 57.74 8.54 -7.36
CA THR A 254 59.06 7.95 -7.54
C THR A 254 58.98 6.54 -8.11
N ASP A 255 58.12 5.71 -7.56
CA ASP A 255 58.11 4.29 -7.89
C ASP A 255 57.08 3.89 -8.94
N GLY A 256 56.17 4.79 -9.32
CA GLY A 256 55.12 4.43 -10.24
C GLY A 256 54.08 3.54 -9.58
N MET A 257 53.14 3.08 -10.39
CA MET A 257 52.01 2.29 -9.93
C MET A 257 51.67 1.24 -10.97
N THR A 258 51.19 0.09 -10.51
CA THR A 258 50.72 -0.91 -11.46
C THR A 258 49.32 -0.58 -11.96
N VAL A 259 48.94 -1.24 -13.07
CA VAL A 259 47.60 -1.07 -13.64
C VAL A 259 46.53 -1.38 -12.60
N ARG A 260 46.72 -2.45 -11.83
CA ARG A 260 45.79 -2.77 -10.76
C ARG A 260 45.66 -1.62 -9.77
N GLU A 261 46.78 -1.10 -9.29
CA GLU A 261 46.76 -0.01 -8.31
C GLU A 261 46.12 1.23 -8.89
N LEU A 262 46.38 1.52 -10.17
CA LEU A 262 45.75 2.69 -10.80
C LEU A 262 44.24 2.52 -10.92
N ALA A 263 43.78 1.34 -11.33
CA ALA A 263 42.35 1.13 -11.44
C ALA A 263 41.69 1.23 -10.07
N SER A 264 42.30 0.62 -9.06
CA SER A 264 41.80 0.75 -7.70
C SER A 264 41.71 2.22 -7.32
N ALA A 265 42.75 2.99 -7.57
CA ALA A 265 42.75 4.38 -7.17
C ALA A 265 41.69 5.18 -7.93
N ALA A 266 41.54 4.91 -9.22
CA ALA A 266 40.57 5.64 -10.02
C ALA A 266 39.14 5.38 -9.55
N ILE A 267 38.82 4.12 -9.22
CA ILE A 267 37.45 3.78 -8.80
CA ILE A 267 37.46 3.77 -8.80
C ILE A 267 37.20 4.19 -7.36
N THR A 268 38.09 3.81 -6.46
CA THR A 268 37.76 3.92 -5.04
C THR A 268 38.07 5.29 -4.45
N MET A 269 39.02 6.03 -5.03
CA MET A 269 39.39 7.35 -4.56
CA MET A 269 39.33 7.37 -4.53
C MET A 269 39.13 8.43 -5.60
N SER A 270 38.59 8.05 -6.74
CA SER A 270 38.33 8.95 -7.85
C SER A 270 39.59 9.68 -8.29
N ASP A 271 40.75 9.03 -8.20
CA ASP A 271 42.02 9.66 -8.52
C ASP A 271 42.09 10.04 -10.00
N ASN A 272 42.25 11.35 -10.24
CA ASN A 272 42.12 11.87 -11.60
C ASN A 272 43.33 11.53 -12.46
N THR A 273 44.54 11.63 -11.92
CA THR A 273 45.72 11.23 -12.69
C THR A 273 45.66 9.75 -13.00
N ALA A 274 45.19 8.94 -12.05
CA ALA A 274 45.10 7.51 -12.32
C ALA A 274 44.19 7.25 -13.50
N ALA A 275 43.04 7.92 -13.53
CA ALA A 275 42.11 7.74 -14.65
C ALA A 275 42.74 8.19 -15.97
N ASN A 276 43.44 9.33 -15.97
CA ASN A 276 44.09 9.80 -17.20
C ASN A 276 45.14 8.79 -17.67
N LEU A 277 45.99 8.28 -16.77
CA LEU A 277 46.99 7.29 -17.17
C LEU A 277 46.34 6.05 -17.78
N LEU A 278 45.25 5.56 -17.17
CA LEU A 278 44.52 4.41 -17.71
C LEU A 278 43.88 4.75 -19.07
N LEU A 279 43.36 5.96 -19.22
CA LEU A 279 42.81 6.36 -20.52
C LEU A 279 43.88 6.29 -21.59
N THR A 280 45.09 6.73 -21.30
CA THR A 280 46.12 6.67 -22.33
C THR A 280 46.32 5.24 -22.80
N THR A 281 46.24 4.27 -21.88
CA THR A 281 46.46 2.88 -22.29
C THR A 281 45.45 2.40 -23.32
N ILE A 282 44.26 2.99 -23.39
CA ILE A 282 43.22 2.50 -24.29
C ILE A 282 42.98 3.45 -25.46
N GLY A 283 43.83 4.44 -25.66
CA GLY A 283 43.66 5.38 -26.76
C GLY A 283 42.86 6.59 -26.40
N GLY A 284 42.82 6.96 -25.12
CA GLY A 284 42.19 8.18 -24.69
C GLY A 284 40.67 8.10 -24.67
N PRO A 285 40.05 9.25 -24.47
CA PRO A 285 38.58 9.31 -24.52
C PRO A 285 37.99 8.70 -25.77
N LYS A 286 38.62 8.89 -26.94
CA LYS A 286 38.13 8.26 -28.16
C LYS A 286 38.17 6.74 -28.06
N GLY A 287 39.21 6.19 -27.43
CA GLY A 287 39.29 4.76 -27.23
C GLY A 287 38.22 4.24 -26.29
N LEU A 288 37.91 4.98 -25.22
CA LEU A 288 36.83 4.53 -24.34
C LEU A 288 35.51 4.57 -25.08
N THR A 289 35.27 5.62 -25.86
CA THR A 289 34.05 5.69 -26.64
C THR A 289 33.95 4.52 -27.62
N ALA A 290 35.07 4.14 -28.27
CA ALA A 290 35.04 3.00 -29.18
C ALA A 290 34.69 1.70 -28.45
N PHE A 291 35.23 1.52 -27.24
CA PHE A 291 34.87 0.36 -26.44
C PHE A 291 33.37 0.32 -26.17
N LEU A 292 32.81 1.46 -25.79
CA LEU A 292 31.37 1.54 -25.54
C LEU A 292 30.57 1.25 -26.80
N HIS A 293 30.91 1.89 -27.90
CA HIS A 293 30.18 1.64 -29.14
C HIS A 293 30.21 0.15 -29.49
N ASN A 294 31.36 -0.50 -29.33
CA ASN A 294 31.50 -1.88 -29.74
CA ASN A 294 31.52 -1.89 -29.73
C ASN A 294 30.67 -2.83 -28.88
N MET A 295 30.38 -2.49 -27.62
CA MET A 295 29.51 -3.32 -26.81
CA MET A 295 29.51 -3.28 -26.77
C MET A 295 28.04 -2.89 -26.91
N GLY A 296 27.72 -1.96 -27.81
CA GLY A 296 26.35 -1.61 -28.13
C GLY A 296 25.81 -0.35 -27.48
N ASP A 297 26.62 0.39 -26.75
CA ASP A 297 26.21 1.67 -26.18
C ASP A 297 26.61 2.77 -27.15
N HIS A 298 25.66 3.22 -27.97
CA HIS A 298 25.88 4.23 -28.99
C HIS A 298 25.52 5.63 -28.49
N VAL A 299 25.33 5.78 -27.18
CA VAL A 299 24.91 7.04 -26.57
C VAL A 299 26.02 7.63 -25.70
N THR A 300 26.55 6.83 -24.76
CA THR A 300 27.56 7.35 -23.86
C THR A 300 28.83 7.70 -24.63
N ARG A 301 29.44 8.83 -24.26
CA ARG A 301 30.65 9.27 -24.96
C ARG A 301 31.57 9.99 -23.99
N LEU A 302 32.87 9.70 -24.10
CA LEU A 302 33.89 10.48 -23.42
C LEU A 302 34.71 11.22 -24.48
N ASP A 303 35.00 12.51 -24.23
CA ASP A 303 35.68 13.35 -25.19
C ASP A 303 36.90 14.04 -24.61
N ARG A 304 36.88 14.32 -23.31
CA ARG A 304 37.93 15.07 -22.63
C ARG A 304 38.50 14.26 -21.48
N TRP A 305 39.60 14.77 -20.94
CA TRP A 305 40.34 14.14 -19.86
C TRP A 305 39.97 14.79 -18.54
N GLU A 306 40.44 14.21 -17.43
CA GLU A 306 40.27 14.89 -16.14
C GLU A 306 41.21 16.07 -16.07
N PRO A 307 40.75 17.24 -15.58
CA PRO A 307 39.42 17.51 -14.98
C PRO A 307 38.44 18.21 -15.94
N GLU A 308 38.86 18.46 -17.18
CA GLU A 308 38.04 19.27 -18.08
C GLU A 308 36.70 18.62 -18.37
N LEU A 309 36.60 17.30 -18.23
CA LEU A 309 35.36 16.59 -18.54
C LEU A 309 34.21 16.91 -17.59
N ASN A 310 34.46 17.66 -16.52
CA ASN A 310 33.46 18.01 -15.52
C ASN A 310 32.85 19.39 -15.74
N GLU A 311 33.12 20.03 -16.89
CA GLU A 311 32.70 21.42 -17.04
CA GLU A 311 32.70 21.42 -17.08
C GLU A 311 31.18 21.59 -17.12
N ALA A 312 30.47 20.59 -17.62
CA ALA A 312 28.99 20.60 -17.59
C ALA A 312 28.37 21.81 -18.30
N ILE A 313 28.94 22.17 -19.44
CA ILE A 313 28.44 23.31 -20.21
CA ILE A 313 28.44 23.32 -20.20
C ILE A 313 27.04 23.00 -20.71
N PRO A 314 26.07 23.90 -20.57
CA PRO A 314 24.73 23.63 -21.11
C PRO A 314 24.77 23.39 -22.62
N ASN A 315 24.05 22.35 -23.05
CA ASN A 315 23.91 21.96 -24.45
C ASN A 315 25.15 21.27 -25.00
N ASP A 316 26.16 21.03 -24.18
CA ASP A 316 27.37 20.34 -24.61
C ASP A 316 27.13 18.85 -24.51
N GLU A 317 27.24 18.15 -25.63
CA GLU A 317 27.10 16.69 -25.65
C GLU A 317 28.35 15.95 -25.19
N ARG A 318 29.49 16.63 -25.08
CA ARG A 318 30.70 15.93 -24.69
C ARG A 318 30.61 15.36 -23.28
N ASP A 319 31.19 14.18 -23.11
CA ASP A 319 31.35 13.59 -21.77
C ASP A 319 30.01 13.35 -21.08
N THR A 320 29.00 12.96 -21.84
CA THR A 320 27.66 12.73 -21.32
C THR A 320 27.23 11.28 -21.49
N THR A 321 26.23 10.91 -20.68
CA THR A 321 25.50 9.67 -20.84
C THR A 321 24.02 10.01 -20.64
N THR A 322 23.16 9.00 -20.68
CA THR A 322 21.79 9.15 -20.23
C THR A 322 21.60 8.16 -19.09
N PRO A 323 20.63 8.38 -18.20
CA PRO A 323 20.45 7.40 -17.12
C PRO A 323 20.25 5.97 -17.63
N VAL A 324 19.48 5.78 -18.70
CA VAL A 324 19.24 4.42 -19.18
C VAL A 324 20.47 3.85 -19.85
N ALA A 325 21.22 4.66 -20.60
CA ALA A 325 22.43 4.12 -21.22
C ALA A 325 23.43 3.68 -20.17
N MET A 326 23.70 4.54 -19.18
CA MET A 326 24.66 4.19 -18.15
C MET A 326 24.22 2.98 -17.37
N ALA A 327 22.93 2.93 -16.99
CA ALA A 327 22.49 1.79 -16.19
C ALA A 327 22.59 0.49 -16.97
N THR A 328 22.21 0.52 -18.25
CA THR A 328 22.25 -0.66 -19.11
CA THR A 328 22.24 -0.72 -19.01
C THR A 328 23.68 -1.14 -19.32
N THR A 329 24.58 -0.19 -19.59
CA THR A 329 25.98 -0.53 -19.81
C THR A 329 26.59 -1.08 -18.54
N LEU A 330 26.33 -0.44 -17.39
CA LEU A 330 26.87 -0.95 -16.13
C LEU A 330 26.33 -2.36 -15.84
N ARG A 331 25.05 -2.61 -16.11
CA ARG A 331 24.54 -3.97 -15.93
C ARG A 331 25.29 -4.97 -16.82
N LYS A 332 25.55 -4.61 -18.07
CA LYS A 332 26.25 -5.54 -18.96
C LYS A 332 27.67 -5.83 -18.46
N LEU A 333 28.36 -4.83 -17.92
CA LEU A 333 29.69 -5.02 -17.37
C LEU A 333 29.67 -5.91 -16.13
N LEU A 334 28.68 -5.72 -15.25
CA LEU A 334 28.68 -6.41 -13.97
C LEU A 334 28.11 -7.82 -14.06
N THR A 335 27.17 -8.08 -14.96
CA THR A 335 26.47 -9.36 -14.99
C THR A 335 26.45 -10.01 -16.37
N GLY A 336 26.87 -9.31 -17.41
CA GLY A 336 26.81 -9.82 -18.75
C GLY A 336 28.00 -10.70 -19.06
N GLU A 337 28.17 -10.96 -20.35
CA GLU A 337 29.28 -11.77 -20.85
C GLU A 337 30.45 -10.92 -21.32
N LEU A 338 30.37 -9.59 -21.21
CA LEU A 338 31.44 -8.72 -21.68
C LEU A 338 32.75 -9.01 -20.99
N LEU A 339 32.71 -9.27 -19.68
CA LEU A 339 33.90 -9.56 -18.89
C LEU A 339 33.82 -11.00 -18.42
N THR A 340 35.00 -11.61 -18.18
CA THR A 340 35.04 -12.92 -17.57
C THR A 340 34.41 -12.84 -16.18
N PRO A 341 33.99 -13.98 -15.64
CA PRO A 341 33.49 -13.98 -14.26
C PRO A 341 34.45 -13.33 -13.27
N ALA A 342 35.75 -13.64 -13.36
CA ALA A 342 36.69 -13.04 -12.43
C ALA A 342 36.75 -11.53 -12.59
N SER A 343 36.70 -11.05 -13.83
CA SER A 343 36.79 -9.60 -14.03
C SER A 343 35.51 -8.89 -13.63
N ARG A 344 34.34 -9.48 -13.86
N ARG A 344 34.33 -9.47 -13.92
CA ARG A 344 33.15 -8.78 -13.41
CA ARG A 344 33.08 -8.93 -13.40
C ARG A 344 33.05 -8.78 -11.89
C ARG A 344 33.17 -8.75 -11.89
N GLN A 345 33.61 -9.80 -11.22
CA GLN A 345 33.70 -9.75 -9.76
C GLN A 345 34.69 -8.68 -9.30
N GLN A 346 35.80 -8.52 -10.02
CA GLN A 346 36.78 -7.50 -9.67
C GLN A 346 36.20 -6.09 -9.78
N LEU A 347 35.43 -5.83 -10.85
CA LEU A 347 34.78 -4.53 -10.98
C LEU A 347 33.85 -4.27 -9.80
N MET A 348 33.03 -5.27 -9.45
CA MET A 348 32.11 -5.10 -8.33
C MET A 348 32.87 -4.88 -7.04
N ASP A 349 33.95 -5.64 -6.81
CA ASP A 349 34.75 -5.52 -5.60
C ASP A 349 35.36 -4.12 -5.46
N TRP A 350 35.87 -3.57 -6.57
CA TRP A 350 36.42 -2.21 -6.51
C TRP A 350 35.33 -1.20 -6.16
N MET A 351 34.18 -1.29 -6.84
CA MET A 351 33.08 -0.36 -6.56
C MET A 351 32.56 -0.53 -5.13
N GLU A 352 32.54 -1.75 -4.60
CA GLU A 352 32.14 -1.95 -3.22
C GLU A 352 33.03 -1.19 -2.25
N ALA A 353 34.31 -1.05 -2.58
CA ALA A 353 35.30 -0.38 -1.74
C ALA A 353 35.43 1.12 -2.01
N ASP A 354 34.46 1.72 -2.73
CA ASP A 354 34.46 3.16 -2.94
C ASP A 354 34.58 3.89 -1.61
N LYS A 355 35.49 4.86 -1.54
CA LYS A 355 35.80 5.60 -0.32
C LYS A 355 35.29 7.03 -0.33
N VAL A 356 34.80 7.53 -1.47
CA VAL A 356 34.48 8.96 -1.57
C VAL A 356 33.03 9.22 -1.99
N ALA A 357 32.12 8.31 -1.64
CA ALA A 357 30.69 8.52 -1.89
C ALA A 357 29.87 8.48 -0.60
N GLY A 358 30.51 8.68 0.55
CA GLY A 358 29.85 8.61 1.84
C GLY A 358 28.54 9.37 1.97
N PRO A 359 28.48 10.63 1.52
CA PRO A 359 27.30 11.45 1.80
C PRO A 359 26.11 11.16 0.90
N LEU A 360 26.23 10.20 -0.02
CA LEU A 360 25.16 9.96 -1.00
C LEU A 360 24.35 8.75 -0.57
N LEU A 361 24.23 7.71 -1.40
CA LEU A 361 23.39 6.57 -1.05
C LEU A 361 23.89 5.86 0.20
N ARG A 362 25.21 5.81 0.41
CA ARG A 362 25.75 5.15 1.60
C ARG A 362 25.22 5.77 2.88
N SER A 363 24.90 7.07 2.87
CA SER A 363 24.49 7.78 4.08
C SER A 363 23.12 7.34 4.60
N VAL A 364 22.33 6.66 3.77
CA VAL A 364 21.00 6.20 4.13
C VAL A 364 20.86 4.68 3.99
N LEU A 365 21.96 3.97 3.78
CA LEU A 365 21.90 2.56 3.48
C LEU A 365 21.79 1.77 4.78
N PRO A 366 20.76 0.93 4.95
CA PRO A 366 20.58 0.25 6.22
C PRO A 366 21.61 -0.85 6.47
N ALA A 367 21.67 -1.27 7.73
CA ALA A 367 22.55 -2.35 8.12
C ALA A 367 22.31 -3.59 7.27
N GLY A 368 23.40 -4.26 6.90
CA GLY A 368 23.34 -5.51 6.18
C GLY A 368 23.21 -5.37 4.68
N TRP A 369 22.92 -4.19 4.18
CA TRP A 369 22.78 -4.02 2.75
C TRP A 369 24.14 -3.97 2.08
N PHE A 370 24.14 -4.34 0.81
CA PHE A 370 25.32 -4.26 -0.05
C PHE A 370 25.21 -3.05 -0.94
N ILE A 371 26.34 -2.37 -1.17
CA ILE A 371 26.39 -1.34 -2.21
C ILE A 371 27.76 -1.33 -2.86
N ALA A 372 27.74 -1.21 -4.17
CA ALA A 372 28.92 -1.00 -5.00
C ALA A 372 28.62 0.21 -5.87
N ASP A 373 29.41 1.27 -5.75
CA ASP A 373 28.99 2.55 -6.31
C ASP A 373 30.17 3.37 -6.83
N LYS A 374 29.83 4.44 -7.56
CA LYS A 374 30.79 5.45 -8.00
C LYS A 374 30.03 6.74 -8.15
N SER A 375 30.56 7.81 -7.53
CA SER A 375 29.95 9.13 -7.56
C SER A 375 30.73 10.08 -8.47
N GLY A 376 30.10 11.22 -8.73
CA GLY A 376 30.73 12.29 -9.47
C GLY A 376 30.21 13.64 -9.03
N ALA A 377 31.04 14.66 -9.24
CA ALA A 377 30.69 16.04 -8.99
C ALA A 377 31.39 16.89 -10.04
N GLY A 378 30.70 17.92 -10.51
CA GLY A 378 31.31 18.79 -11.50
C GLY A 378 30.87 20.22 -11.35
N GLU A 379 31.13 21.03 -12.37
CA GLU A 379 30.75 22.42 -12.33
CA GLU A 379 30.75 22.42 -12.33
C GLU A 379 29.24 22.56 -12.52
N ARG A 380 28.75 23.78 -12.28
CA ARG A 380 27.35 24.13 -12.55
CA ARG A 380 27.35 24.13 -12.54
C ARG A 380 26.39 23.19 -11.82
N GLY A 381 26.75 22.82 -10.59
CA GLY A 381 25.85 22.02 -9.77
C GLY A 381 25.71 20.57 -10.19
N SER A 382 26.65 20.05 -10.94
CA SER A 382 26.52 18.68 -11.44
CA SER A 382 26.52 18.68 -11.44
C SER A 382 26.89 17.69 -10.35
N ARG A 383 26.06 16.66 -10.20
CA ARG A 383 26.30 15.64 -9.20
C ARG A 383 25.63 14.36 -9.67
N GLY A 384 26.23 13.23 -9.33
CA GLY A 384 25.60 11.99 -9.73
C GLY A 384 26.20 10.78 -9.05
N ILE A 385 25.49 9.66 -9.21
CA ILE A 385 25.96 8.39 -8.66
C ILE A 385 25.41 7.23 -9.49
N VAL A 386 26.23 6.18 -9.63
CA VAL A 386 25.81 4.90 -10.19
C VAL A 386 26.06 3.86 -9.12
N ALA A 387 25.14 2.91 -8.98
CA ALA A 387 25.25 1.93 -7.90
C ALA A 387 24.57 0.63 -8.25
N ALA A 388 25.15 -0.47 -7.76
CA ALA A 388 24.48 -1.77 -7.65
C ALA A 388 24.29 -2.02 -6.16
N LEU A 389 23.06 -2.27 -5.73
CA LEU A 389 22.79 -2.36 -4.30
C LEU A 389 21.67 -3.35 -4.04
N GLY A 390 21.59 -3.81 -2.80
CA GLY A 390 20.47 -4.61 -2.38
C GLY A 390 20.58 -5.03 -0.94
N PRO A 391 19.50 -5.56 -0.39
CA PRO A 391 19.50 -6.00 1.01
C PRO A 391 20.24 -7.32 1.17
N ASP A 392 20.50 -7.68 2.42
CA ASP A 392 21.00 -9.02 2.76
C ASP A 392 22.33 -9.35 2.06
N GLY A 393 23.17 -8.34 1.90
CA GLY A 393 24.52 -8.56 1.44
C GLY A 393 24.71 -8.86 -0.02
N LYS A 394 23.69 -8.68 -0.87
CA LYS A 394 23.81 -9.01 -2.28
C LYS A 394 23.17 -7.89 -3.10
N PRO A 395 23.82 -7.44 -4.17
CA PRO A 395 23.18 -6.47 -5.05
C PRO A 395 22.09 -7.13 -5.90
N SER A 396 21.00 -6.41 -6.10
CA SER A 396 19.93 -6.90 -6.96
C SER A 396 19.34 -5.84 -7.87
N ARG A 397 19.70 -4.57 -7.73
CA ARG A 397 19.25 -3.52 -8.64
C ARG A 397 20.38 -2.55 -8.92
N ILE A 398 20.27 -1.86 -10.06
CA ILE A 398 21.13 -0.75 -10.42
C ILE A 398 20.32 0.53 -10.30
N VAL A 399 20.92 1.53 -9.68
CA VAL A 399 20.35 2.87 -9.56
CA VAL A 399 20.34 2.86 -9.60
C VAL A 399 21.33 3.87 -10.17
N VAL A 400 20.82 4.78 -11.00
CA VAL A 400 21.59 5.87 -11.56
C VAL A 400 20.83 7.16 -11.27
N ILE A 401 21.50 8.14 -10.67
CA ILE A 401 20.93 9.45 -10.42
C ILE A 401 21.90 10.49 -10.94
N TYR A 402 21.40 11.44 -11.75
CA TYR A 402 22.20 12.57 -12.19
C TYR A 402 21.42 13.87 -12.02
N THR A 403 22.13 14.96 -11.76
CA THR A 403 21.57 16.29 -11.81
C THR A 403 22.64 17.26 -12.33
N THR A 404 22.20 18.31 -13.00
CA THR A 404 23.10 19.39 -13.40
C THR A 404 22.27 20.67 -13.53
N GLY A 405 22.94 21.81 -13.32
CA GLY A 405 22.33 23.13 -13.45
C GLY A 405 22.05 23.85 -12.14
N SER A 406 22.02 23.15 -11.00
CA SER A 406 21.57 23.78 -9.76
C SER A 406 22.61 24.79 -9.27
N GLN A 407 22.11 25.84 -8.61
CA GLN A 407 22.97 26.76 -7.88
C GLN A 407 23.16 26.35 -6.42
N ALA A 408 22.62 25.20 -6.01
CA ALA A 408 22.67 24.79 -4.63
C ALA A 408 24.08 24.40 -4.21
N THR A 409 24.30 24.36 -2.90
CA THR A 409 25.58 23.96 -2.36
C THR A 409 25.77 22.45 -2.48
N MET A 410 27.03 22.03 -2.30
CA MET A 410 27.37 20.61 -2.33
C MET A 410 26.57 19.83 -1.28
N ASP A 411 26.46 20.37 -0.06
CA ASP A 411 25.69 19.68 0.97
C ASP A 411 24.25 19.50 0.54
N GLU A 412 23.66 20.51 -0.10
CA GLU A 412 22.27 20.37 -0.52
CA GLU A 412 22.27 20.42 -0.56
C GLU A 412 22.11 19.37 -1.65
N LEU A 413 23.06 19.34 -2.60
CA LEU A 413 23.01 18.32 -3.65
C LEU A 413 23.14 16.94 -3.05
N ASN A 414 24.07 16.76 -2.10
CA ASN A 414 24.23 15.47 -1.46
C ASN A 414 22.94 15.03 -0.77
N ARG A 415 22.31 15.95 -0.04
CA ARG A 415 21.14 15.60 0.75
CA ARG A 415 21.14 15.60 0.75
C ARG A 415 19.99 15.17 -0.18
N GLN A 416 19.81 15.87 -1.30
CA GLN A 416 18.74 15.51 -2.21
C GLN A 416 18.95 14.13 -2.82
N ILE A 417 20.19 13.79 -3.19
CA ILE A 417 20.48 12.45 -3.72
C ILE A 417 20.26 11.40 -2.63
N ALA A 418 20.72 11.68 -1.42
CA ALA A 418 20.51 10.77 -0.31
C ALA A 418 19.03 10.53 -0.06
N GLU A 419 18.20 11.58 -0.15
CA GLU A 419 16.77 11.44 0.11
C GLU A 419 16.07 10.63 -0.98
N ILE A 420 16.51 10.77 -2.24
CA ILE A 420 16.02 9.87 -3.28
C ILE A 420 16.37 8.44 -2.92
N GLY A 421 17.62 8.21 -2.48
CA GLY A 421 18.02 6.88 -2.06
C GLY A 421 17.18 6.35 -0.92
N ALA A 422 16.90 7.19 0.08
CA ALA A 422 16.10 6.71 1.20
C ALA A 422 14.72 6.28 0.73
N SER A 423 14.17 6.98 -0.25
CA SER A 423 12.84 6.65 -0.75
C SER A 423 12.85 5.33 -1.50
N LEU A 424 13.83 5.10 -2.36
CA LEU A 424 13.87 3.85 -3.11
C LEU A 424 14.19 2.67 -2.20
N ILE A 425 14.93 2.91 -1.12
CA ILE A 425 15.18 1.87 -0.14
C ILE A 425 13.91 1.56 0.66
N LYS A 426 13.19 2.61 1.07
CA LYS A 426 11.96 2.41 1.84
C LYS A 426 10.94 1.63 1.03
N GLY A 427 10.86 1.91 -0.26
CA GLY A 427 9.89 1.30 -1.14
C GLY A 427 10.34 0.04 -1.81
N TRP A 428 11.50 -0.49 -1.42
CA TRP A 428 12.09 -1.60 -2.14
C TRP A 428 11.15 -2.76 -2.29
N SER B 1 -28.70 -20.90 -4.92
CA SER B 1 -27.38 -21.16 -5.55
C SER B 1 -26.56 -22.15 -4.72
N SER B 2 -26.96 -22.35 -3.47
CA SER B 2 -26.30 -23.31 -2.59
C SER B 2 -27.35 -24.24 -1.98
N LYS B 3 -26.91 -25.46 -1.65
CA LYS B 3 -27.78 -26.41 -0.98
C LYS B 3 -28.20 -25.91 0.40
N GLY B 4 -27.27 -25.24 1.11
CA GLY B 4 -27.60 -24.73 2.43
C GLY B 4 -28.75 -23.75 2.43
N GLU B 5 -28.95 -23.01 1.34
CA GLU B 5 -29.98 -21.99 1.34
C GLU B 5 -31.38 -22.61 1.47
N GLU B 6 -31.55 -23.87 1.02
CA GLU B 6 -32.85 -24.52 1.11
C GLU B 6 -33.31 -24.69 2.54
N LEU B 7 -32.38 -24.69 3.50
CA LEU B 7 -32.72 -24.81 4.91
C LEU B 7 -33.40 -23.56 5.47
N PHE B 8 -33.44 -22.47 4.71
CA PHE B 8 -33.90 -21.18 5.21
C PHE B 8 -35.15 -20.66 4.50
N THR B 9 -35.87 -21.51 3.77
CA THR B 9 -37.02 -21.05 3.01
C THR B 9 -38.22 -20.72 3.89
N GLY B 10 -38.25 -21.23 5.13
CA GLY B 10 -39.35 -20.98 6.05
C GLY B 10 -38.86 -20.46 7.38
N VAL B 11 -39.71 -20.50 8.40
CA VAL B 11 -39.33 -20.05 9.74
C VAL B 11 -38.49 -21.13 10.41
N VAL B 12 -37.37 -20.75 11.01
CA VAL B 12 -36.41 -21.67 11.58
C VAL B 12 -36.24 -21.34 13.05
N PRO B 13 -36.37 -22.30 13.97
CA PRO B 13 -36.12 -21.99 15.39
C PRO B 13 -34.64 -21.69 15.64
N ILE B 14 -34.38 -20.81 16.62
CA ILE B 14 -33.04 -20.38 16.97
C ILE B 14 -32.82 -20.56 18.47
N LEU B 15 -31.60 -21.01 18.83
CA LEU B 15 -31.12 -20.97 20.20
CA LEU B 15 -31.12 -21.00 20.20
C LEU B 15 -29.80 -20.24 20.23
N VAL B 16 -29.61 -19.40 21.25
CA VAL B 16 -28.35 -18.70 21.49
C VAL B 16 -27.89 -19.01 22.91
N GLU B 17 -26.60 -19.34 23.07
CA GLU B 17 -26.03 -19.54 24.39
C GLU B 17 -24.71 -18.77 24.46
N LEU B 18 -24.55 -17.94 25.47
CA LEU B 18 -23.32 -17.17 25.62
C LEU B 18 -22.78 -17.31 27.02
N ASP B 19 -21.47 -17.58 27.10
CA ASP B 19 -20.74 -17.51 28.34
CA ASP B 19 -20.72 -17.53 28.35
C ASP B 19 -19.76 -16.35 28.25
N GLY B 20 -19.82 -15.45 29.25
CA GLY B 20 -19.03 -14.24 29.20
C GLY B 20 -18.21 -13.98 30.45
N ASP B 21 -17.13 -13.21 30.27
CA ASP B 21 -16.29 -12.78 31.38
C ASP B 21 -15.80 -11.40 30.97
N VAL B 22 -16.27 -10.34 31.63
CA VAL B 22 -15.85 -8.97 31.33
C VAL B 22 -15.21 -8.38 32.60
N ASN B 23 -13.92 -8.07 32.52
CA ASN B 23 -13.18 -7.58 33.68
C ASN B 23 -13.35 -8.49 34.89
N GLY B 24 -13.45 -9.80 34.65
CA GLY B 24 -13.63 -10.76 35.73
C GLY B 24 -15.06 -10.99 36.16
N HIS B 25 -16.01 -10.20 35.69
CA HIS B 25 -17.43 -10.43 35.96
C HIS B 25 -17.92 -11.54 35.03
N LYS B 26 -18.20 -12.72 35.60
CA LYS B 26 -18.65 -13.85 34.81
C LYS B 26 -20.17 -13.84 34.73
N PHE B 27 -20.70 -14.17 33.55
CA PHE B 27 -22.14 -14.13 33.31
C PHE B 27 -22.50 -15.08 32.17
N SER B 28 -23.79 -15.44 32.10
CA SER B 28 -24.28 -16.28 31.03
CA SER B 28 -24.28 -16.28 31.03
C SER B 28 -25.63 -15.76 30.55
N VAL B 29 -25.90 -15.95 29.25
CA VAL B 29 -27.17 -15.57 28.64
C VAL B 29 -27.68 -16.72 27.77
N SER B 30 -28.99 -16.95 27.82
CA SER B 30 -29.68 -17.90 26.95
CA SER B 30 -29.66 -17.89 26.96
C SER B 30 -30.70 -17.13 26.15
N GLY B 31 -30.77 -17.41 24.85
CA GLY B 31 -31.77 -16.81 23.99
C GLY B 31 -32.49 -17.85 23.16
N GLU B 32 -33.72 -17.52 22.78
CA GLU B 32 -34.52 -18.39 21.92
CA GLU B 32 -34.54 -18.39 21.95
C GLU B 32 -35.46 -17.54 21.09
N GLY B 33 -35.80 -18.06 19.93
CA GLY B 33 -36.74 -17.42 19.05
C GLY B 33 -36.76 -18.06 17.69
N GLU B 34 -36.91 -17.24 16.65
CA GLU B 34 -36.97 -17.80 15.31
C GLU B 34 -36.49 -16.75 14.30
N GLY B 35 -36.08 -17.25 13.15
CA GLY B 35 -35.68 -16.39 12.05
C GLY B 35 -36.40 -16.78 10.77
N ASP B 36 -36.64 -15.77 9.94
CA ASP B 36 -37.31 -15.94 8.66
C ASP B 36 -36.49 -15.15 7.63
N ALA B 37 -35.55 -15.86 7.00
CA ALA B 37 -34.66 -15.23 6.04
C ALA B 37 -35.39 -14.65 4.83
N THR B 38 -36.59 -15.18 4.50
CA THR B 38 -37.38 -14.61 3.41
C THR B 38 -37.63 -13.12 3.59
N TYR B 39 -37.75 -12.68 4.84
CA TYR B 39 -37.94 -11.29 5.19
C TYR B 39 -36.72 -10.70 5.87
N GLY B 40 -35.64 -11.47 6.03
CA GLY B 40 -34.47 -10.99 6.75
C GLY B 40 -34.72 -10.72 8.22
N LYS B 41 -35.68 -11.43 8.82
CA LYS B 41 -36.23 -11.06 10.13
C LYS B 41 -35.85 -12.08 11.21
N LEU B 42 -35.41 -11.56 12.35
CA LEU B 42 -35.15 -12.31 13.57
C LEU B 42 -36.05 -11.80 14.69
N THR B 43 -36.60 -12.73 15.48
CA THR B 43 -37.33 -12.39 16.69
CA THR B 43 -37.38 -12.43 16.67
C THR B 43 -36.79 -13.27 17.80
N LEU B 44 -36.17 -12.64 18.80
CA LEU B 44 -35.48 -13.37 19.87
C LEU B 44 -35.70 -12.74 21.23
N LYS B 45 -35.71 -13.56 22.26
CA LYS B 45 -35.68 -13.11 23.64
C LYS B 45 -34.49 -13.72 24.34
N PHE B 46 -33.75 -12.88 25.07
CA PHE B 46 -32.58 -13.28 25.83
C PHE B 46 -32.81 -13.05 27.32
N ILE B 47 -32.31 -14.00 28.14
CA ILE B 47 -32.36 -13.90 29.60
CA ILE B 47 -32.38 -13.95 29.61
C ILE B 47 -30.95 -14.05 30.15
N CYS B 48 -30.58 -13.18 31.09
CA CYS B 48 -29.33 -13.38 31.84
C CYS B 48 -29.63 -14.38 32.95
N THR B 49 -28.98 -15.53 32.90
CA THR B 49 -29.27 -16.63 33.80
C THR B 49 -28.41 -16.57 35.04
N THR B 50 -27.56 -15.55 35.16
CA THR B 50 -26.67 -15.41 36.30
C THR B 50 -27.01 -14.23 37.19
N GLY B 51 -28.13 -13.57 36.98
CA GLY B 51 -28.50 -12.39 37.76
C GLY B 51 -28.64 -11.19 36.84
N LYS B 52 -28.10 -10.07 37.27
CA LYS B 52 -28.10 -8.88 36.42
C LYS B 52 -26.94 -8.93 35.43
N LEU B 53 -27.21 -8.56 34.19
CA LEU B 53 -26.14 -8.52 33.22
C LEU B 53 -25.15 -7.44 33.61
N PRO B 54 -23.84 -7.73 33.64
CA PRO B 54 -22.85 -6.73 34.10
C PRO B 54 -22.40 -5.75 33.03
N VAL B 55 -22.91 -5.88 31.82
CA VAL B 55 -22.71 -4.93 30.74
C VAL B 55 -24.07 -4.58 30.18
N PRO B 56 -24.19 -3.50 29.42
CA PRO B 56 -25.51 -3.17 28.86
C PRO B 56 -25.93 -4.14 27.76
N TRP B 57 -27.22 -4.48 27.76
CA TRP B 57 -27.76 -5.37 26.73
C TRP B 57 -27.37 -4.96 25.32
N PRO B 58 -27.47 -3.68 24.93
CA PRO B 58 -27.15 -3.36 23.53
C PRO B 58 -25.76 -3.75 23.12
N THR B 59 -24.79 -3.79 24.04
CA THR B 59 -23.41 -4.09 23.65
C THR B 59 -23.23 -5.52 23.18
N LEU B 60 -24.20 -6.41 23.46
CA LEU B 60 -24.14 -7.82 23.11
C LEU B 60 -24.97 -8.18 21.86
N VAL B 61 -25.72 -7.23 21.29
CA VAL B 61 -26.61 -7.54 20.15
C VAL B 61 -25.82 -8.20 19.03
N THR B 62 -24.70 -7.59 18.60
CA THR B 62 -24.01 -8.15 17.43
C THR B 62 -23.43 -9.52 17.71
N THR B 63 -23.07 -9.79 18.97
CA THR B 63 -22.55 -11.10 19.32
C THR B 63 -23.65 -12.16 19.28
N PHE B 64 -24.83 -11.82 19.79
CA PHE B 64 -25.97 -12.73 19.76
C PHE B 64 -26.48 -12.94 18.33
N VAL B 66 -26.16 -14.23 13.76
CA VAL B 66 -26.73 -15.33 12.99
C VAL B 66 -27.05 -14.77 11.60
N GLN B 67 -26.02 -14.31 10.89
CA GLN B 67 -26.16 -13.57 9.65
C GLN B 67 -26.65 -14.45 8.49
N CYS B 68 -26.75 -15.77 8.72
CA CYS B 68 -27.46 -16.65 7.80
C CYS B 68 -28.92 -16.28 7.65
N PHE B 69 -29.49 -15.47 8.56
CA PHE B 69 -30.88 -15.03 8.42
C PHE B 69 -31.03 -13.72 7.65
N SER B 70 -29.95 -13.16 7.14
CA SER B 70 -30.07 -12.00 6.27
CA SER B 70 -30.08 -11.99 6.27
C SER B 70 -30.81 -12.37 5.00
N ARG B 71 -31.56 -11.41 4.46
CA ARG B 71 -32.24 -11.61 3.18
CA ARG B 71 -32.25 -11.59 3.18
C ARG B 71 -31.27 -11.26 2.06
N TYR B 72 -30.86 -12.27 1.31
CA TYR B 72 -30.10 -12.06 0.09
C TYR B 72 -31.09 -12.03 -1.08
N PRO B 73 -31.19 -10.93 -1.82
CA PRO B 73 -32.04 -10.92 -3.01
C PRO B 73 -31.64 -12.00 -4.00
N ASP B 74 -32.60 -12.39 -4.83
CA ASP B 74 -32.37 -13.47 -5.78
C ASP B 74 -31.10 -13.27 -6.60
N HIS B 75 -30.87 -12.05 -7.10
CA HIS B 75 -29.70 -11.85 -7.94
C HIS B 75 -28.38 -11.94 -7.19
N MET B 76 -28.41 -12.04 -5.85
CA MET B 76 -27.20 -12.11 -5.04
C MET B 76 -27.03 -13.45 -4.35
N LYS B 77 -27.84 -14.46 -4.68
CA LYS B 77 -27.79 -15.72 -3.96
C LYS B 77 -26.40 -16.35 -4.01
N ARG B 78 -25.65 -16.13 -5.08
CA ARG B 78 -24.32 -16.71 -5.19
C ARG B 78 -23.30 -16.05 -4.27
N HIS B 79 -23.70 -15.01 -3.53
CA HIS B 79 -22.80 -14.29 -2.64
C HIS B 79 -23.11 -14.52 -1.17
N ASP B 80 -23.99 -15.47 -0.86
CA ASP B 80 -24.43 -15.71 0.52
C ASP B 80 -23.56 -16.81 1.13
N PHE B 81 -22.44 -16.39 1.71
CA PHE B 81 -21.54 -17.34 2.37
C PHE B 81 -22.23 -18.02 3.53
N PHE B 82 -23.00 -17.25 4.32
CA PHE B 82 -23.54 -17.72 5.59
C PHE B 82 -24.42 -18.96 5.41
N LYS B 83 -25.36 -18.91 4.46
CA LYS B 83 -26.21 -20.08 4.26
C LYS B 83 -25.47 -21.23 3.60
N SER B 84 -24.49 -20.92 2.73
CA SER B 84 -23.79 -21.97 2.00
C SER B 84 -23.02 -22.88 2.93
N ALA B 85 -22.63 -22.39 4.10
CA ALA B 85 -21.86 -23.19 5.05
C ALA B 85 -22.74 -24.13 5.86
N MET B 86 -24.05 -24.04 5.73
CA MET B 86 -24.97 -24.86 6.51
C MET B 86 -25.24 -26.20 5.81
N PRO B 87 -25.58 -27.25 6.59
CA PRO B 87 -25.85 -27.22 8.03
C PRO B 87 -24.62 -27.34 8.95
N GLU B 88 -23.46 -27.68 8.38
CA GLU B 88 -22.29 -27.91 9.23
C GLU B 88 -21.89 -26.64 9.97
N GLY B 89 -22.05 -25.49 9.33
CA GLY B 89 -21.98 -24.22 10.02
C GLY B 89 -20.66 -23.48 9.81
N TYR B 90 -20.47 -22.44 10.61
CA TYR B 90 -19.26 -21.65 10.55
C TYR B 90 -18.84 -21.19 11.94
N VAL B 91 -17.55 -20.91 12.06
CA VAL B 91 -16.97 -20.22 13.21
C VAL B 91 -16.99 -18.73 12.91
N GLN B 92 -17.44 -17.94 13.88
CA GLN B 92 -17.45 -16.50 13.78
C GLN B 92 -16.62 -15.93 14.91
N GLU B 93 -15.55 -15.21 14.58
CA GLU B 93 -14.65 -14.64 15.56
C GLU B 93 -14.65 -13.13 15.41
N ARG B 94 -14.66 -12.42 16.54
CA ARG B 94 -14.59 -10.97 16.49
C ARG B 94 -13.67 -10.39 17.56
N THR B 95 -13.13 -9.21 17.24
CA THR B 95 -12.71 -8.26 18.27
C THR B 95 -13.55 -7.01 18.13
N ILE B 96 -14.09 -6.52 19.24
CA ILE B 96 -14.93 -5.32 19.28
C ILE B 96 -14.22 -4.32 20.18
N PHE B 97 -13.76 -3.21 19.60
CA PHE B 97 -13.06 -2.17 20.33
C PHE B 97 -14.03 -1.05 20.68
N PHE B 98 -14.32 -0.88 21.96
CA PHE B 98 -15.11 0.25 22.42
C PHE B 98 -14.20 1.46 22.58
N LYS B 99 -14.50 2.52 21.84
CA LYS B 99 -13.65 3.70 21.81
C LYS B 99 -13.50 4.28 23.21
N ASP B 100 -12.25 4.58 23.59
CA ASP B 100 -11.92 5.10 24.92
C ASP B 100 -12.28 4.14 26.04
N ASP B 101 -12.39 2.86 25.74
CA ASP B 101 -12.79 1.86 26.73
C ASP B 101 -12.17 0.50 26.34
N GLY B 102 -12.69 -0.58 26.90
CA GLY B 102 -12.11 -1.89 26.71
C GLY B 102 -12.58 -2.55 25.41
N ASN B 103 -12.31 -3.85 25.31
CA ASN B 103 -12.69 -4.60 24.13
C ASN B 103 -13.27 -5.96 24.51
N TYR B 104 -14.14 -6.46 23.62
CA TYR B 104 -14.61 -7.83 23.66
C TYR B 104 -13.88 -8.66 22.59
N LYS B 105 -13.52 -9.88 22.94
CA LYS B 105 -13.10 -10.88 21.97
C LYS B 105 -14.07 -12.04 22.06
N THR B 106 -14.63 -12.43 20.93
CA THR B 106 -15.65 -13.48 20.90
C THR B 106 -15.26 -14.58 19.94
N ARG B 107 -15.66 -15.80 20.27
CA ARG B 107 -15.61 -16.93 19.35
C ARG B 107 -16.93 -17.65 19.44
N ALA B 108 -17.57 -17.87 18.29
CA ALA B 108 -18.86 -18.53 18.26
C ALA B 108 -18.87 -19.61 17.18
N GLU B 109 -19.71 -20.63 17.39
CA GLU B 109 -20.06 -21.58 16.35
C GLU B 109 -21.54 -21.45 16.06
N VAL B 110 -21.86 -21.31 14.78
CA VAL B 110 -23.23 -21.17 14.29
C VAL B 110 -23.50 -22.36 13.38
N LYS B 111 -24.44 -23.22 13.76
CA LYS B 111 -24.68 -24.44 13.01
C LYS B 111 -26.04 -24.99 13.38
N PHE B 112 -26.54 -25.89 12.54
CA PHE B 112 -27.77 -26.59 12.87
C PHE B 112 -27.49 -27.71 13.86
N GLU B 113 -28.35 -27.80 14.86
CA GLU B 113 -28.41 -28.95 15.77
C GLU B 113 -29.84 -29.44 15.60
N GLY B 114 -30.00 -30.51 14.82
CA GLY B 114 -31.33 -30.91 14.41
C GLY B 114 -31.93 -29.85 13.52
N ASP B 115 -33.18 -29.47 13.81
CA ASP B 115 -33.90 -28.48 13.03
C ASP B 115 -33.66 -27.06 13.50
N THR B 116 -32.83 -26.86 14.52
CA THR B 116 -32.65 -25.57 15.16
C THR B 116 -31.29 -24.98 14.77
N LEU B 117 -31.28 -23.68 14.48
CA LEU B 117 -30.04 -22.96 14.24
C LEU B 117 -29.53 -22.47 15.58
N VAL B 118 -28.32 -22.91 15.97
CA VAL B 118 -27.77 -22.64 17.29
C VAL B 118 -26.51 -21.78 17.14
N ASN B 119 -26.43 -20.72 17.94
CA ASN B 119 -25.25 -19.85 18.03
C ASN B 119 -24.70 -19.95 19.45
N ARG B 120 -23.54 -20.58 19.62
CA ARG B 120 -22.91 -20.81 20.91
C ARG B 120 -21.64 -19.97 20.96
N ILE B 121 -21.53 -19.09 21.96
CA ILE B 121 -20.53 -18.03 22.03
C ILE B 121 -19.75 -18.10 23.34
N GLU B 122 -18.44 -17.87 23.25
CA GLU B 122 -17.62 -17.52 24.40
C GLU B 122 -17.13 -16.08 24.20
N LEU B 123 -17.27 -15.25 25.23
CA LEU B 123 -16.91 -13.83 25.15
C LEU B 123 -15.96 -13.49 26.29
N LYS B 124 -14.85 -12.81 25.99
CA LYS B 124 -13.95 -12.29 27.00
C LYS B 124 -13.80 -10.78 26.79
N GLY B 125 -14.04 -10.01 27.84
CA GLY B 125 -13.86 -8.57 27.81
C GLY B 125 -12.79 -8.13 28.79
N ILE B 126 -11.92 -7.22 28.36
CA ILE B 126 -10.83 -6.72 29.21
C ILE B 126 -10.64 -5.23 29.05
N ASP B 127 -10.04 -4.64 30.07
CA ASP B 127 -9.58 -3.25 30.07
C ASP B 127 -10.73 -2.25 30.10
N PHE B 128 -11.89 -2.63 30.61
CA PHE B 128 -12.99 -1.69 30.73
C PHE B 128 -12.81 -0.77 31.93
N LYS B 129 -13.27 0.47 31.77
CA LYS B 129 -13.25 1.44 32.85
CA LYS B 129 -13.24 1.43 32.86
C LYS B 129 -14.44 1.21 33.78
N GLU B 130 -14.17 1.24 35.09
CA GLU B 130 -15.22 0.88 36.04
C GLU B 130 -16.40 1.83 35.98
N ASP B 131 -16.18 3.10 35.65
CA ASP B 131 -17.29 4.03 35.43
C ASP B 131 -17.33 4.53 34.00
N GLY B 132 -16.90 3.71 33.04
CA GLY B 132 -17.10 4.03 31.64
C GLY B 132 -18.54 3.73 31.26
N ASN B 133 -18.82 3.87 29.97
CA ASN B 133 -20.21 3.72 29.53
C ASN B 133 -20.72 2.29 29.62
N ILE B 134 -19.82 1.31 29.62
CA ILE B 134 -20.20 -0.09 29.60
C ILE B 134 -20.41 -0.54 31.05
N LEU B 135 -19.35 -0.54 31.87
CA LEU B 135 -19.53 -1.03 33.24
C LEU B 135 -20.35 -0.06 34.09
N GLY B 136 -20.40 1.20 33.70
CA GLY B 136 -21.27 2.15 34.35
C GLY B 136 -22.69 2.19 33.84
N HIS B 137 -23.05 1.35 32.87
CA HIS B 137 -24.43 1.27 32.39
C HIS B 137 -24.99 2.63 32.01
N LYS B 138 -24.32 3.29 31.04
CA LYS B 138 -24.71 4.62 30.60
C LYS B 138 -25.30 4.60 29.19
N LEU B 139 -25.48 3.43 28.61
CA LEU B 139 -26.02 3.30 27.27
C LEU B 139 -27.55 3.25 27.30
N GLU B 140 -28.17 3.97 26.39
CA GLU B 140 -29.62 3.88 26.21
C GLU B 140 -30.03 2.51 25.71
N TYR B 141 -31.26 2.12 26.06
CA TYR B 141 -31.82 0.83 25.64
C TYR B 141 -32.51 1.03 24.30
N ASN B 142 -31.67 1.11 23.26
CA ASN B 142 -32.14 1.26 21.87
C ASN B 142 -31.00 0.85 20.97
N TYR B 143 -31.24 0.94 19.67
CA TYR B 143 -30.27 0.42 18.71
C TYR B 143 -30.45 1.09 17.38
N ASN B 144 -29.32 1.39 16.74
CA ASN B 144 -29.29 2.11 15.48
C ASN B 144 -29.16 1.17 14.28
N SER B 145 -29.32 1.76 13.09
CA SER B 145 -29.15 1.04 11.83
CA SER B 145 -29.15 1.05 11.82
C SER B 145 -27.71 1.21 11.35
N HIS B 146 -27.16 0.14 10.77
CA HIS B 146 -25.75 0.15 10.36
C HIS B 146 -25.56 -0.49 9.01
N ASN B 147 -24.40 -0.20 8.41
CA ASN B 147 -23.91 -0.88 7.23
C ASN B 147 -22.79 -1.84 7.63
N VAL B 148 -22.89 -3.09 7.17
CA VAL B 148 -21.95 -4.15 7.49
C VAL B 148 -21.23 -4.54 6.20
N TYR B 149 -19.90 -4.47 6.18
CA TYR B 149 -19.14 -4.63 4.96
C TYR B 149 -18.50 -6.01 4.90
N ILE B 150 -18.69 -6.72 3.80
CA ILE B 150 -18.31 -8.13 3.64
CA ILE B 150 -18.26 -8.10 3.68
C ILE B 150 -17.34 -8.27 2.47
N MET B 151 -16.25 -9.00 2.69
CA MET B 151 -15.28 -9.30 1.65
C MET B 151 -14.85 -10.76 1.78
N ALA B 152 -14.55 -11.40 0.65
CA ALA B 152 -14.03 -12.76 0.71
C ALA B 152 -12.60 -12.78 1.25
N ASP B 153 -12.27 -13.85 1.98
CA ASP B 153 -10.91 -14.17 2.42
C ASP B 153 -10.59 -15.54 1.82
N LYS B 154 -10.07 -15.54 0.59
CA LYS B 154 -9.86 -16.77 -0.14
C LYS B 154 -8.92 -17.72 0.59
N GLN B 155 -7.89 -17.18 1.24
CA GLN B 155 -6.87 -18.04 1.84
C GLN B 155 -7.43 -18.85 3.00
N LYS B 156 -8.46 -18.33 3.67
CA LYS B 156 -9.12 -19.02 4.78
C LYS B 156 -10.40 -19.71 4.33
N ASN B 157 -10.74 -19.66 3.05
CA ASN B 157 -11.99 -20.23 2.56
C ASN B 157 -13.19 -19.62 3.29
N GLY B 158 -13.11 -18.34 3.60
CA GLY B 158 -14.15 -17.68 4.38
C GLY B 158 -14.31 -16.23 4.01
N ILE B 159 -14.78 -15.44 4.98
CA ILE B 159 -15.04 -14.02 4.76
C ILE B 159 -14.43 -13.21 5.89
N LYS B 160 -14.19 -11.94 5.59
CA LYS B 160 -13.86 -10.94 6.59
C LYS B 160 -14.94 -9.88 6.58
N VAL B 161 -15.27 -9.36 7.75
CA VAL B 161 -16.41 -8.45 7.90
C VAL B 161 -15.99 -7.31 8.82
N ASN B 162 -16.37 -6.08 8.44
CA ASN B 162 -15.98 -4.90 9.21
C ASN B 162 -17.13 -3.91 9.26
N PHE B 163 -17.30 -3.29 10.41
CA PHE B 163 -18.32 -2.25 10.57
C PHE B 163 -18.14 -1.58 11.93
N LYS B 164 -18.83 -0.47 12.10
CA LYS B 164 -18.80 0.31 13.33
CA LYS B 164 -18.80 0.28 13.34
C LYS B 164 -20.22 0.39 13.88
N ILE B 165 -20.40 -0.02 15.12
CA ILE B 165 -21.68 0.10 15.82
C ILE B 165 -21.69 1.41 16.61
N ARG B 166 -22.83 2.08 16.63
CA ARG B 166 -23.00 3.36 17.31
C ARG B 166 -24.03 3.15 18.42
N HIS B 167 -23.60 3.24 19.68
CA HIS B 167 -24.49 3.04 20.83
C HIS B 167 -24.81 4.39 21.44
N ASN B 168 -26.08 4.77 21.44
CA ASN B 168 -26.44 6.05 22.05
C ASN B 168 -26.17 6.03 23.55
N ILE B 169 -25.57 7.10 24.06
N ILE B 169 -25.57 7.13 24.05
CA ILE B 169 -25.31 7.30 25.48
CA ILE B 169 -25.32 7.39 25.47
C ILE B 169 -26.39 8.20 26.05
C ILE B 169 -26.48 8.19 26.04
N GLU B 170 -26.72 7.99 27.33
CA GLU B 170 -27.82 8.69 27.98
CA GLU B 170 -27.82 8.69 28.00
C GLU B 170 -27.64 10.20 28.00
N ASP B 171 -26.42 10.71 27.81
CA ASP B 171 -26.20 12.16 27.82
C ASP B 171 -26.26 12.78 26.42
N GLY B 172 -26.64 12.02 25.40
CA GLY B 172 -26.69 12.55 24.05
C GLY B 172 -25.46 12.31 23.20
N SER B 173 -24.42 11.71 23.75
CA SER B 173 -23.23 11.31 23.01
CA SER B 173 -23.27 11.35 22.93
C SER B 173 -23.44 9.93 22.41
N VAL B 174 -22.40 9.38 21.77
CA VAL B 174 -22.45 8.09 21.10
C VAL B 174 -21.18 7.33 21.45
N GLN B 175 -21.34 6.09 21.86
CA GLN B 175 -20.23 5.18 22.13
C GLN B 175 -19.99 4.33 20.89
N LEU B 176 -18.81 4.49 20.28
CA LEU B 176 -18.45 3.70 19.11
CA LEU B 176 -18.47 3.70 19.10
C LEU B 176 -17.91 2.34 19.50
N ALA B 177 -18.26 1.33 18.70
CA ALA B 177 -17.79 -0.04 18.89
C ALA B 177 -17.33 -0.56 17.53
N ASP B 178 -16.03 -0.61 17.34
CA ASP B 178 -15.43 -0.95 16.05
CA ASP B 178 -15.43 -0.96 16.05
C ASP B 178 -15.30 -2.47 15.96
N HIS B 179 -15.98 -3.08 14.98
CA HIS B 179 -16.06 -4.54 14.85
C HIS B 179 -15.13 -5.06 13.76
N TYR B 180 -14.29 -6.04 14.14
CA TYR B 180 -13.43 -6.76 13.21
C TYR B 180 -13.81 -8.22 13.29
N GLN B 181 -14.21 -8.81 12.17
CA GLN B 181 -14.87 -10.11 12.19
C GLN B 181 -14.31 -11.02 11.11
N GLN B 182 -14.20 -12.31 11.43
CA GLN B 182 -13.84 -13.32 10.44
CA GLN B 182 -13.80 -13.34 10.46
C GLN B 182 -14.74 -14.53 10.61
N ASN B 183 -15.15 -15.13 9.49
CA ASN B 183 -15.98 -16.33 9.50
C ASN B 183 -15.33 -17.39 8.63
N THR B 184 -15.27 -18.62 9.15
CA THR B 184 -14.69 -19.74 8.44
C THR B 184 -15.62 -20.94 8.54
N PRO B 185 -15.78 -21.71 7.46
CA PRO B 185 -16.67 -22.88 7.53
C PRO B 185 -16.16 -23.94 8.49
N ILE B 186 -17.10 -24.64 9.13
CA ILE B 186 -16.76 -25.79 9.95
C ILE B 186 -16.59 -27.03 9.09
N GLY B 187 -17.41 -27.19 8.06
CA GLY B 187 -17.37 -28.36 7.21
C GLY B 187 -16.34 -28.27 6.09
N ASP B 188 -16.24 -29.37 5.35
CA ASP B 188 -15.29 -29.48 4.24
CA ASP B 188 -15.29 -29.45 4.25
C ASP B 188 -15.93 -29.21 2.88
N GLY B 189 -17.26 -29.27 2.77
CA GLY B 189 -17.92 -29.03 1.52
C GLY B 189 -17.70 -27.63 1.00
N PRO B 190 -17.98 -27.39 -0.28
CA PRO B 190 -17.71 -26.07 -0.85
C PRO B 190 -18.68 -25.02 -0.35
N VAL B 191 -18.17 -23.80 -0.24
CA VAL B 191 -18.96 -22.67 0.22
C VAL B 191 -18.87 -21.58 -0.84
N LEU B 192 -19.79 -20.62 -0.74
CA LEU B 192 -19.82 -19.50 -1.67
C LEU B 192 -18.98 -18.37 -1.10
N LEU B 193 -17.98 -17.94 -1.86
CA LEU B 193 -17.15 -16.82 -1.47
C LEU B 193 -17.62 -15.59 -2.23
N PRO B 194 -18.03 -14.53 -1.55
CA PRO B 194 -18.72 -13.42 -2.23
C PRO B 194 -17.79 -12.36 -2.80
N ASP B 195 -18.33 -11.62 -3.77
CA ASP B 195 -17.76 -10.34 -4.09
C ASP B 195 -18.07 -9.35 -2.98
N ASN B 196 -17.31 -8.25 -2.94
CA ASN B 196 -17.49 -7.26 -1.89
C ASN B 196 -18.90 -6.70 -1.93
N HIS B 197 -19.55 -6.64 -0.76
CA HIS B 197 -20.93 -6.13 -0.69
C HIS B 197 -21.22 -5.69 0.74
N TYR B 198 -22.47 -5.35 1.03
CA TYR B 198 -22.81 -4.87 2.36
C TYR B 198 -24.14 -5.45 2.78
N LEU B 199 -24.38 -5.43 4.07
CA LEU B 199 -25.70 -5.67 4.65
C LEU B 199 -26.20 -4.38 5.31
N SER B 200 -27.50 -4.13 5.22
CA SER B 200 -28.14 -3.01 5.90
CA SER B 200 -28.14 -3.01 5.90
C SER B 200 -28.97 -3.56 7.04
N THR B 201 -28.74 -3.06 8.25
CA THR B 201 -29.38 -3.61 9.44
C THR B 201 -30.26 -2.59 10.13
N GLN B 202 -31.24 -3.11 10.86
CA GLN B 202 -31.97 -2.31 11.84
C GLN B 202 -32.53 -3.22 12.92
N SER B 203 -32.60 -2.71 14.13
CA SER B 203 -32.96 -3.51 15.29
C SER B 203 -33.79 -2.68 16.25
N ALA B 204 -34.75 -3.35 16.88
CA ALA B 204 -35.65 -2.74 17.85
C ALA B 204 -35.58 -3.56 19.13
N LEU B 205 -35.33 -2.89 20.25
CA LEU B 205 -35.21 -3.54 21.55
C LEU B 205 -36.45 -3.25 22.40
N SER B 206 -36.92 -4.25 23.12
CA SER B 206 -38.08 -4.08 23.98
C SER B 206 -37.98 -4.97 25.19
N LYS B 207 -39.03 -4.90 26.02
CA LYS B 207 -39.15 -5.69 27.23
C LYS B 207 -40.42 -6.52 27.20
N ASP B 208 -40.34 -7.69 27.84
CA ASP B 208 -41.47 -8.60 28.00
C ASP B 208 -42.15 -8.24 29.33
N PRO B 209 -43.40 -7.76 29.31
CA PRO B 209 -44.02 -7.31 30.56
C PRO B 209 -44.28 -8.43 31.55
N ASN B 210 -44.12 -9.69 31.16
CA ASN B 210 -44.30 -10.82 32.05
C ASN B 210 -43.01 -11.25 32.70
N GLU B 211 -41.90 -10.60 32.40
CA GLU B 211 -40.59 -11.13 32.75
C GLU B 211 -39.92 -10.26 33.79
N LYS B 212 -39.66 -10.83 34.97
CA LYS B 212 -38.97 -10.12 36.04
C LYS B 212 -37.46 -10.30 36.00
N ARG B 213 -36.95 -11.31 35.30
CA ARG B 213 -35.51 -11.47 35.16
C ARG B 213 -34.93 -10.42 34.23
N ASP B 214 -33.61 -10.25 34.28
CA ASP B 214 -32.94 -9.31 33.40
C ASP B 214 -32.91 -9.91 31.98
N HIS B 215 -33.42 -9.15 31.00
CA HIS B 215 -33.71 -9.76 29.70
C HIS B 215 -33.77 -8.69 28.62
N MET B 216 -33.76 -9.16 27.37
CA MET B 216 -33.92 -8.30 26.19
C MET B 216 -34.73 -9.01 25.13
N VAL B 217 -35.75 -8.29 24.58
CA VAL B 217 -36.50 -8.74 23.40
C VAL B 217 -35.96 -7.97 22.20
N LEU B 218 -35.67 -8.69 21.11
CA LEU B 218 -35.01 -8.14 19.94
C LEU B 218 -35.81 -8.47 18.69
N LEU B 219 -36.05 -7.47 17.86
CA LEU B 219 -36.64 -7.67 16.53
C LEU B 219 -35.69 -7.01 15.54
N GLU B 220 -35.15 -7.79 14.63
CA GLU B 220 -34.10 -7.30 13.75
C GLU B 220 -34.40 -7.68 12.29
N PHE B 221 -34.08 -6.76 11.37
CA PHE B 221 -34.20 -6.99 9.93
C PHE B 221 -32.87 -6.67 9.26
N VAL B 222 -32.42 -7.57 8.40
CA VAL B 222 -31.15 -7.38 7.68
C VAL B 222 -31.35 -7.80 6.23
N THR B 223 -30.92 -6.94 5.31
CA THR B 223 -30.98 -7.19 3.88
C THR B 223 -29.60 -6.98 3.26
N ALA B 224 -29.17 -7.92 2.42
CA ALA B 224 -27.92 -7.75 1.67
C ALA B 224 -28.15 -6.93 0.41
N ALA B 225 -27.12 -6.20 0.01
CA ALA B 225 -27.19 -5.36 -1.18
C ALA B 225 -25.78 -5.08 -1.68
N GLY B 226 -25.70 -4.30 -2.76
CA GLY B 226 -24.44 -3.79 -3.24
C GLY B 226 -23.89 -4.49 -4.46
N ILE B 227 -24.55 -5.55 -4.92
CA ILE B 227 -24.20 -6.22 -6.17
C ILE B 227 -25.33 -6.03 -7.16
N THR B 228 -24.99 -5.72 -8.41
CA THR B 228 -26.01 -5.51 -9.44
C THR B 228 -26.29 -6.82 -10.17
N HIS B 229 -26.70 -6.75 -11.44
CA HIS B 229 -26.90 -7.95 -12.25
C HIS B 229 -25.72 -8.17 -13.19
#